data_6UV1
#
_entry.id   6UV1
#
_cell.length_a   60.752
_cell.length_b   91.074
_cell.length_c   103.496
_cell.angle_alpha   90.000
_cell.angle_beta   95.560
_cell.angle_gamma   90.000
#
_symmetry.space_group_name_H-M   'P 1 21 1'
#
loop_
_entity.id
_entity.type
_entity.pdbx_description
1 polymer 'Probable ATP-dependent RNA helicase DDX17'
2 polymer 'RNA rU10'
3 non-polymer "ADENOSINE-5'-DIPHOSPHATE"
4 non-polymer 'BERYLLIUM TRIFLUORIDE ION'
5 non-polymer 'MAGNESIUM ION'
6 water water
#
loop_
_entity_poly.entity_id
_entity_poly.type
_entity_poly.pdbx_seq_one_letter_code
_entity_poly.pdbx_strand_id
1 'polypeptide(L)'
;SGGNPGERLRKKKWDLSELPKFEKNFYVEHPEVARLTPYEVDELRRKKEITVRGGDVCPKPVFAFHHANFPQYVMDVLMD
QHFTEPTPIQCQGFPLALSGRDMVGIAQTGSGKTLAYLLPAIVHINHQPYLERGDGPICLVLAPTRELAQQVQQVADDYG
KCSRLKSTCIYGGAPKGPQIRDLERGVEICIATPGRLIDFLESGKTNLRRCTYLVLDEADRMLDMGFEPQIRKIVDQIRP
DRQTLMWSATWPKEVRQLAEDFLRDYTQINVGNLELSANHNILQIVDVCMESEKDHKLIQLMEEIMAEKENKTIIFVETK
RRCDDLTRRMRRDGWPAMCIHGDKSQPERDWVLNEFRSGKAPILIATDVASRGLDVEDVKFVINYDYPNSSEDYVHRIGR
TARSTNKGTAYTFFTPGNLKQARELIKVLEEANQAINPKLMQLVDHRG
;
A,B
2 'polyribonucleotide' UUUUUUUUUU C,D
#
# COMPACT_ATOMS: atom_id res chain seq x y z
N LEU A 9 -26.85 15.36 -20.44
CA LEU A 9 -25.91 15.15 -21.54
C LEU A 9 -25.43 13.71 -21.65
N ARG A 10 -25.72 12.88 -20.64
CA ARG A 10 -25.38 11.46 -20.69
C ARG A 10 -26.49 10.71 -21.41
N LYS A 11 -26.14 10.04 -22.50
CA LYS A 11 -27.08 9.25 -23.29
C LYS A 11 -26.80 7.77 -23.13
N LYS A 12 -27.87 6.97 -23.17
CA LYS A 12 -27.77 5.52 -23.10
C LYS A 12 -26.87 4.97 -24.20
N LYS A 13 -25.71 4.44 -23.82
CA LYS A 13 -24.83 3.82 -24.81
C LYS A 13 -25.46 2.54 -25.32
N TRP A 14 -25.38 2.27 -26.63
CA TRP A 14 -25.65 0.94 -27.15
C TRP A 14 -24.31 0.32 -27.45
N ASP A 15 -23.92 -0.59 -26.58
CA ASP A 15 -22.68 -1.31 -26.73
C ASP A 15 -22.78 -2.26 -27.90
N LEU A 16 -21.72 -2.30 -28.70
CA LEU A 16 -21.52 -3.37 -29.66
C LEU A 16 -20.65 -4.40 -28.94
N SER A 17 -21.27 -5.50 -28.53
CA SER A 17 -20.54 -6.54 -27.81
C SER A 17 -19.61 -7.34 -28.72
N GLU A 18 -19.78 -7.28 -30.05
CA GLU A 18 -18.99 -8.07 -30.98
C GLU A 18 -17.50 -7.73 -30.95
N LEU A 19 -17.08 -6.63 -30.28
CA LEU A 19 -15.66 -6.28 -30.21
C LEU A 19 -14.99 -6.77 -28.93
N PRO A 20 -15.42 -6.33 -27.71
CA PRO A 20 -14.67 -6.71 -26.50
C PRO A 20 -14.79 -8.19 -26.12
N LYS A 21 -14.27 -8.56 -24.95
CA LYS A 21 -14.31 -9.94 -24.44
C LYS A 21 -13.76 -9.96 -23.01
N PHE A 22 -14.34 -10.82 -22.15
CA PHE A 22 -13.94 -10.86 -20.75
C PHE A 22 -14.42 -12.16 -20.10
N GLU A 23 -13.84 -12.45 -18.93
CA GLU A 23 -13.97 -13.73 -18.26
C GLU A 23 -15.09 -13.73 -17.22
N LYS A 24 -15.89 -14.80 -17.22
CA LYS A 24 -17.10 -14.89 -16.41
C LYS A 24 -17.11 -16.09 -15.47
N ASN A 25 -17.09 -17.31 -16.01
CA ASN A 25 -17.30 -18.52 -15.21
C ASN A 25 -15.94 -19.11 -14.83
N PHE A 26 -15.39 -18.68 -13.69
CA PHE A 26 -14.14 -19.22 -13.18
C PHE A 26 -14.27 -19.92 -11.84
N TYR A 27 -15.43 -19.87 -11.19
CA TYR A 27 -15.57 -20.52 -9.89
C TYR A 27 -15.43 -22.03 -10.02
N VAL A 28 -14.62 -22.63 -9.15
CA VAL A 28 -14.51 -24.07 -9.04
C VAL A 28 -14.76 -24.45 -7.59
N GLU A 29 -15.64 -25.42 -7.39
CA GLU A 29 -15.96 -25.92 -6.07
C GLU A 29 -14.71 -26.41 -5.35
N HIS A 30 -14.58 -26.02 -4.09
CA HIS A 30 -13.58 -26.63 -3.22
C HIS A 30 -13.98 -28.08 -2.92
N PRO A 31 -13.00 -28.98 -2.76
CA PRO A 31 -13.31 -30.40 -2.49
C PRO A 31 -14.22 -30.66 -1.31
N GLU A 32 -14.10 -29.88 -0.24
CA GLU A 32 -15.04 -30.02 0.87
C GLU A 32 -16.46 -29.62 0.47
N VAL A 33 -16.61 -28.76 -0.54
CA VAL A 33 -17.94 -28.39 -1.01
C VAL A 33 -18.42 -29.38 -2.07
N ALA A 34 -17.54 -29.80 -2.98
CA ALA A 34 -17.94 -30.78 -4.00
C ALA A 34 -18.49 -32.06 -3.37
N ARG A 35 -17.90 -32.50 -2.26
CA ARG A 35 -18.35 -33.76 -1.68
C ARG A 35 -19.65 -33.62 -0.88
N LEU A 36 -20.18 -32.41 -0.72
CA LEU A 36 -21.43 -32.26 0.02
C LEU A 36 -22.58 -32.95 -0.71
N THR A 37 -23.27 -33.86 -0.02
CA THR A 37 -24.46 -34.48 -0.57
C THR A 37 -25.65 -33.53 -0.52
N PRO A 38 -26.62 -33.72 -1.41
CA PRO A 38 -27.82 -32.87 -1.39
C PRO A 38 -28.45 -32.75 -0.01
N TYR A 39 -28.49 -33.85 0.74
CA TYR A 39 -28.98 -33.79 2.11
C TYR A 39 -28.16 -32.79 2.93
N GLU A 40 -26.83 -32.89 2.87
CA GLU A 40 -25.97 -31.98 3.61
C GLU A 40 -26.16 -30.53 3.16
N VAL A 41 -26.43 -30.31 1.88
CA VAL A 41 -26.65 -28.96 1.37
C VAL A 41 -27.93 -28.39 1.96
N ASP A 42 -29.01 -29.18 1.92
CA ASP A 42 -30.28 -28.73 2.49
C ASP A 42 -30.15 -28.47 3.97
N GLU A 43 -29.35 -29.28 4.67
CA GLU A 43 -29.16 -29.08 6.10
C GLU A 43 -28.35 -27.81 6.38
N LEU A 44 -27.31 -27.57 5.57
CA LEU A 44 -26.56 -26.32 5.68
C LEU A 44 -27.50 -25.12 5.55
N ARG A 45 -28.25 -25.06 4.44
CA ARG A 45 -29.15 -23.92 4.24
C ARG A 45 -30.16 -23.79 5.37
N ARG A 46 -30.80 -24.90 5.75
CA ARG A 46 -31.81 -24.91 6.80
C ARG A 46 -31.26 -24.39 8.12
N LYS A 47 -30.05 -24.82 8.48
CA LYS A 47 -29.40 -24.35 9.70
C LYS A 47 -29.01 -22.88 9.61
N LYS A 48 -28.68 -22.39 8.41
CA LYS A 48 -28.31 -20.99 8.28
C LYS A 48 -29.48 -20.11 7.83
N GLU A 49 -30.67 -20.69 7.67
CA GLU A 49 -31.88 -19.96 7.27
C GLU A 49 -31.71 -19.30 5.89
N ILE A 50 -31.05 -20.00 4.98
CA ILE A 50 -30.81 -19.50 3.64
C ILE A 50 -31.88 -20.08 2.72
N THR A 51 -32.49 -19.22 1.93
CA THR A 51 -33.54 -19.58 0.99
C THR A 51 -33.11 -19.14 -0.40
N VAL A 52 -33.08 -20.09 -1.33
CA VAL A 52 -32.83 -19.81 -2.74
C VAL A 52 -34.19 -19.83 -3.41
N ARG A 53 -34.55 -18.71 -4.03
CA ARG A 53 -35.88 -18.60 -4.65
C ARG A 53 -36.09 -19.71 -5.67
N GLY A 54 -37.19 -20.45 -5.51
CA GLY A 54 -37.43 -21.70 -6.21
C GLY A 54 -37.34 -21.57 -7.71
N GLY A 55 -36.59 -22.46 -8.34
CA GLY A 55 -36.40 -22.40 -9.77
C GLY A 55 -35.17 -21.64 -10.24
N ASP A 56 -34.42 -21.02 -9.33
CA ASP A 56 -33.23 -20.28 -9.72
C ASP A 56 -32.01 -21.19 -9.74
N VAL A 57 -31.07 -20.88 -10.64
CA VAL A 57 -29.79 -21.59 -10.67
C VAL A 57 -28.89 -21.04 -9.58
N CYS A 58 -28.29 -21.94 -8.78
CA CYS A 58 -27.50 -21.51 -7.64
C CYS A 58 -26.50 -22.57 -7.20
N PRO A 59 -25.20 -22.24 -7.09
CA PRO A 59 -24.24 -23.21 -6.55
C PRO A 59 -24.56 -23.56 -5.11
N LYS A 60 -23.84 -24.57 -4.62
CA LYS A 60 -23.90 -24.90 -3.21
C LYS A 60 -23.37 -23.73 -2.39
N PRO A 61 -23.82 -23.60 -1.16
CA PRO A 61 -23.14 -22.71 -0.22
C PRO A 61 -21.82 -23.31 0.21
N VAL A 62 -20.88 -22.42 0.54
CA VAL A 62 -19.64 -22.79 1.21
C VAL A 62 -19.93 -22.75 2.71
N PHE A 63 -19.03 -23.28 3.53
CA PHE A 63 -19.18 -23.14 4.97
C PHE A 63 -17.87 -22.71 5.64
N ALA A 64 -16.87 -22.33 4.85
CA ALA A 64 -15.60 -21.88 5.36
C ALA A 64 -14.98 -20.90 4.38
N PHE A 65 -14.12 -20.01 4.90
CA PHE A 65 -13.51 -18.97 4.06
C PHE A 65 -12.63 -19.57 2.96
N HIS A 66 -11.80 -20.57 3.30
CA HIS A 66 -10.92 -21.18 2.31
C HIS A 66 -11.67 -21.85 1.17
N HIS A 67 -12.98 -22.05 1.30
CA HIS A 67 -13.74 -22.62 0.19
C HIS A 67 -13.86 -21.69 -1.00
N ALA A 68 -13.61 -20.39 -0.82
CA ALA A 68 -13.88 -19.46 -1.92
C ALA A 68 -12.67 -19.22 -2.81
N ASN A 69 -11.51 -19.79 -2.46
CA ASN A 69 -10.26 -19.59 -3.21
C ASN A 69 -9.92 -18.11 -3.34
N PHE A 70 -10.16 -17.34 -2.27
CA PHE A 70 -9.66 -15.98 -2.22
C PHE A 70 -8.14 -16.01 -2.29
N PRO A 71 -7.51 -14.95 -2.80
CA PRO A 71 -6.05 -14.88 -2.74
C PRO A 71 -5.60 -14.80 -1.29
N GLN A 72 -4.33 -15.14 -1.08
CA GLN A 72 -3.82 -15.28 0.27
C GLN A 72 -3.88 -13.96 1.05
N TYR A 73 -3.59 -12.82 0.39
CA TYR A 73 -3.64 -11.55 1.12
C TYR A 73 -5.04 -11.27 1.68
N VAL A 74 -6.08 -11.64 0.95
CA VAL A 74 -7.46 -11.53 1.45
C VAL A 74 -7.62 -12.33 2.74
N MET A 75 -7.18 -13.60 2.72
CA MET A 75 -7.23 -14.46 3.90
C MET A 75 -6.46 -13.86 5.06
N ASP A 76 -5.31 -13.23 4.77
CA ASP A 76 -4.53 -12.60 5.83
C ASP A 76 -5.30 -11.47 6.49
N VAL A 77 -6.01 -10.68 5.69
CA VAL A 77 -6.85 -9.64 6.30
C VAL A 77 -7.99 -10.27 7.10
N LEU A 78 -8.62 -11.33 6.60
CA LEU A 78 -9.68 -12.00 7.39
C LEU A 78 -9.15 -12.49 8.74
N MET A 79 -7.92 -13.03 8.74
CA MET A 79 -7.34 -13.52 9.98
C MET A 79 -6.95 -12.38 10.91
N ASP A 80 -6.39 -11.28 10.36
CA ASP A 80 -6.21 -10.06 11.14
C ASP A 80 -7.51 -9.61 11.81
N GLN A 81 -8.63 -9.68 11.10
CA GLN A 81 -9.92 -9.36 11.71
C GLN A 81 -10.37 -10.42 12.72
N HIS A 82 -9.73 -11.59 12.74
CA HIS A 82 -10.16 -12.76 13.52
C HIS A 82 -11.60 -13.14 13.19
N PHE A 83 -11.93 -13.15 11.90
CA PHE A 83 -13.21 -13.65 11.42
C PHE A 83 -13.04 -15.15 11.21
N THR A 84 -13.85 -15.94 11.87
CA THR A 84 -13.61 -17.39 11.93
C THR A 84 -14.47 -18.19 10.96
N GLU A 85 -15.64 -17.68 10.60
CA GLU A 85 -16.63 -18.37 9.81
C GLU A 85 -17.34 -17.32 8.98
N PRO A 86 -17.67 -17.63 7.73
CA PRO A 86 -18.50 -16.70 6.96
C PRO A 86 -19.96 -16.73 7.46
N THR A 87 -20.59 -15.56 7.38
CA THR A 87 -21.98 -15.41 7.77
C THR A 87 -22.86 -16.18 6.79
N PRO A 88 -24.14 -16.38 7.12
CA PRO A 88 -25.04 -17.04 6.15
C PRO A 88 -25.05 -16.39 4.78
N ILE A 89 -25.24 -15.06 4.73
CA ILE A 89 -25.25 -14.39 3.43
C ILE A 89 -23.92 -14.56 2.73
N GLN A 90 -22.81 -14.60 3.46
CA GLN A 90 -21.54 -14.90 2.79
C GLN A 90 -21.47 -16.35 2.33
N CYS A 91 -21.94 -17.30 3.16
CA CYS A 91 -21.86 -18.72 2.76
C CYS A 91 -22.58 -18.96 1.44
N GLN A 92 -23.76 -18.35 1.24
CA GLN A 92 -24.45 -18.57 -0.04
C GLN A 92 -24.11 -17.53 -1.09
N GLY A 93 -23.76 -16.30 -0.70
CA GLY A 93 -23.47 -15.22 -1.61
C GLY A 93 -22.09 -15.28 -2.26
N PHE A 94 -21.03 -15.74 -1.53
CA PHE A 94 -19.69 -15.88 -2.10
C PHE A 94 -19.79 -16.72 -3.36
N PRO A 95 -20.29 -17.97 -3.28
CA PRO A 95 -20.24 -18.80 -4.49
C PRO A 95 -21.11 -18.27 -5.60
N LEU A 96 -22.30 -17.75 -5.28
CA LEU A 96 -23.20 -17.26 -6.32
C LEU A 96 -22.57 -16.08 -7.04
N ALA A 97 -22.01 -15.14 -6.29
CA ALA A 97 -21.32 -14.02 -6.92
C ALA A 97 -20.16 -14.51 -7.76
N LEU A 98 -19.32 -15.40 -7.19
CA LEU A 98 -18.12 -15.87 -7.87
C LEU A 98 -18.44 -16.68 -9.11
N SER A 99 -19.64 -17.25 -9.18
CA SER A 99 -20.06 -18.01 -10.34
C SER A 99 -20.49 -17.11 -11.49
N GLY A 100 -20.70 -15.81 -11.22
CA GLY A 100 -20.93 -14.84 -12.26
C GLY A 100 -22.37 -14.50 -12.54
N ARG A 101 -23.31 -15.08 -11.80
CA ARG A 101 -24.73 -14.81 -12.05
C ARG A 101 -25.15 -13.47 -11.45
N ASP A 102 -26.03 -12.78 -12.15
CA ASP A 102 -26.74 -11.66 -11.55
C ASP A 102 -27.46 -12.14 -10.30
N MET A 103 -27.50 -11.30 -9.25
CA MET A 103 -28.16 -11.77 -8.04
C MET A 103 -28.75 -10.62 -7.23
N VAL A 104 -29.70 -11.01 -6.38
CA VAL A 104 -30.25 -10.19 -5.32
C VAL A 104 -30.01 -10.92 -4.01
N GLY A 105 -29.37 -10.25 -3.06
CA GLY A 105 -29.12 -10.81 -1.74
C GLY A 105 -29.73 -10.03 -0.59
N ILE A 106 -30.62 -10.67 0.15
CA ILE A 106 -31.40 -10.02 1.19
C ILE A 106 -31.05 -10.69 2.52
N ALA A 107 -30.52 -9.89 3.47
CA ALA A 107 -30.07 -10.45 4.74
C ALA A 107 -30.03 -9.34 5.80
N GLN A 108 -30.22 -9.75 7.05
CA GLN A 108 -30.47 -8.77 8.10
C GLN A 108 -29.30 -7.80 8.24
N THR A 109 -29.58 -6.66 8.86
CA THR A 109 -28.55 -5.64 9.09
C THR A 109 -27.39 -6.22 9.88
N GLY A 110 -26.18 -5.75 9.53
CA GLY A 110 -24.95 -6.16 10.21
C GLY A 110 -24.52 -7.59 10.00
N SER A 111 -24.96 -8.22 8.90
CA SER A 111 -24.74 -9.62 8.56
C SER A 111 -23.56 -9.82 7.62
N GLY A 112 -22.86 -8.75 7.26
CA GLY A 112 -21.68 -8.89 6.44
C GLY A 112 -21.96 -8.88 4.96
N LYS A 113 -22.94 -8.10 4.51
CA LYS A 113 -23.22 -8.05 3.08
C LYS A 113 -22.06 -7.39 2.32
N THR A 114 -21.34 -6.47 2.98
CA THR A 114 -20.26 -5.75 2.30
C THR A 114 -19.20 -6.73 1.80
N LEU A 115 -18.70 -7.61 2.67
CA LEU A 115 -17.69 -8.57 2.21
C LEU A 115 -18.28 -9.55 1.21
N ALA A 116 -19.56 -9.89 1.39
CA ALA A 116 -20.24 -10.79 0.48
C ALA A 116 -20.13 -10.28 -0.95
N TYR A 117 -20.12 -8.96 -1.15
CA TYR A 117 -19.93 -8.51 -2.53
C TYR A 117 -18.51 -8.02 -2.84
N LEU A 118 -17.74 -7.54 -1.86
CA LEU A 118 -16.41 -7.01 -2.16
C LEU A 118 -15.42 -8.12 -2.49
N LEU A 119 -15.46 -9.25 -1.76
CA LEU A 119 -14.37 -10.21 -1.99
C LEU A 119 -14.50 -10.94 -3.32
N PRO A 120 -15.71 -11.34 -3.74
CA PRO A 120 -15.85 -11.81 -5.12
C PRO A 120 -15.52 -10.74 -6.14
N ALA A 121 -15.73 -9.46 -5.81
CA ALA A 121 -15.28 -8.41 -6.72
C ALA A 121 -13.79 -8.51 -6.97
N ILE A 122 -13.02 -8.78 -5.90
CA ILE A 122 -11.57 -8.90 -6.01
C ILE A 122 -11.20 -10.11 -6.86
N VAL A 123 -11.82 -11.27 -6.60
CA VAL A 123 -11.49 -12.45 -7.42
C VAL A 123 -11.83 -12.18 -8.89
N HIS A 124 -13.03 -11.63 -9.11
CA HIS A 124 -13.46 -11.22 -10.43
C HIS A 124 -12.41 -10.38 -11.14
N ILE A 125 -11.93 -9.33 -10.48
CA ILE A 125 -10.93 -8.45 -11.07
C ILE A 125 -9.65 -9.23 -11.37
N ASN A 126 -9.32 -10.19 -10.50
CA ASN A 126 -8.10 -10.93 -10.67
C ASN A 126 -8.14 -11.82 -11.90
N HIS A 127 -9.33 -12.19 -12.38
CA HIS A 127 -9.39 -12.96 -13.62
C HIS A 127 -9.57 -12.10 -14.88
N GLN A 128 -9.34 -10.79 -14.80
CA GLN A 128 -9.42 -9.88 -15.94
C GLN A 128 -8.03 -9.43 -16.35
N PRO A 129 -7.86 -9.00 -17.60
CA PRO A 129 -6.60 -8.33 -17.96
C PRO A 129 -6.40 -7.11 -17.05
N TYR A 130 -5.14 -6.82 -16.74
CA TYR A 130 -4.83 -5.66 -15.93
C TYR A 130 -5.35 -4.40 -16.59
N LEU A 131 -5.57 -3.38 -15.77
CA LEU A 131 -5.94 -2.10 -16.35
C LEU A 131 -4.78 -1.54 -17.16
N GLU A 132 -5.10 -0.93 -18.28
CA GLU A 132 -4.16 -0.10 -18.98
C GLU A 132 -4.42 1.36 -18.64
N ARG A 133 -3.48 2.21 -19.02
CA ARG A 133 -3.60 3.65 -18.84
C ARG A 133 -4.88 4.18 -19.48
N GLY A 134 -5.63 4.97 -18.71
CA GLY A 134 -6.90 5.50 -19.18
C GLY A 134 -8.10 4.59 -18.98
N ASP A 135 -7.89 3.36 -18.53
CA ASP A 135 -9.02 2.47 -18.31
C ASP A 135 -9.82 2.89 -17.06
N GLY A 136 -11.14 2.74 -17.16
CA GLY A 136 -12.01 2.92 -16.01
C GLY A 136 -12.07 1.68 -15.13
N PRO A 137 -12.86 1.78 -14.06
CA PRO A 137 -12.98 0.67 -13.09
C PRO A 137 -13.62 -0.57 -13.68
N ILE A 138 -13.18 -1.72 -13.16
CA ILE A 138 -13.80 -3.00 -13.47
C ILE A 138 -15.01 -3.26 -12.58
N CYS A 139 -14.96 -2.80 -11.33
CA CYS A 139 -16.03 -3.02 -10.36
C CYS A 139 -16.55 -1.66 -9.91
N LEU A 140 -17.87 -1.46 -10.00
CA LEU A 140 -18.52 -0.24 -9.55
C LEU A 140 -19.52 -0.59 -8.46
N VAL A 141 -19.42 0.07 -7.31
CA VAL A 141 -20.36 -0.08 -6.20
C VAL A 141 -21.07 1.25 -5.99
N LEU A 142 -22.40 1.22 -5.96
CA LEU A 142 -23.22 2.42 -5.84
C LEU A 142 -23.93 2.39 -4.49
N ALA A 143 -23.87 3.50 -3.76
CA ALA A 143 -24.43 3.60 -2.41
C ALA A 143 -25.22 4.90 -2.26
N PRO A 144 -26.19 4.95 -1.36
CA PRO A 144 -27.06 6.14 -1.26
C PRO A 144 -26.51 7.30 -0.46
N THR A 145 -25.44 7.14 0.32
CA THR A 145 -24.92 8.30 1.05
C THR A 145 -23.40 8.35 0.95
N ARG A 146 -22.89 9.57 1.09
CA ARG A 146 -21.45 9.80 1.05
C ARG A 146 -20.72 9.05 2.15
N GLU A 147 -21.25 9.08 3.38
CA GLU A 147 -20.57 8.34 4.45
C GLU A 147 -20.56 6.85 4.14
N LEU A 148 -21.66 6.31 3.63
CA LEU A 148 -21.66 4.88 3.35
C LEU A 148 -20.64 4.54 2.28
N ALA A 149 -20.56 5.33 1.21
CA ALA A 149 -19.56 5.07 0.17
C ALA A 149 -18.14 5.16 0.71
N GLN A 150 -17.88 6.10 1.62
CA GLN A 150 -16.55 6.17 2.17
C GLN A 150 -16.25 4.94 2.99
N GLN A 151 -17.25 4.46 3.76
CA GLN A 151 -17.05 3.28 4.59
C GLN A 151 -16.72 2.05 3.75
N VAL A 152 -17.50 1.82 2.69
CA VAL A 152 -17.25 0.69 1.81
C VAL A 152 -15.89 0.81 1.15
N GLN A 153 -15.47 2.04 0.81
CA GLN A 153 -14.16 2.19 0.20
C GLN A 153 -13.06 1.82 1.17
N GLN A 154 -13.20 2.20 2.46
CA GLN A 154 -12.19 1.83 3.46
C GLN A 154 -12.13 0.31 3.66
N VAL A 155 -13.28 -0.38 3.61
CA VAL A 155 -13.24 -1.83 3.61
C VAL A 155 -12.40 -2.34 2.45
N ALA A 156 -12.71 -1.89 1.23
CA ALA A 156 -11.96 -2.37 0.08
C ALA A 156 -10.49 -2.00 0.18
N ASP A 157 -10.18 -0.94 0.92
CA ASP A 157 -8.78 -0.58 1.07
C ASP A 157 -8.06 -1.56 1.98
N ASP A 158 -8.72 -2.03 3.06
CA ASP A 158 -8.07 -2.96 3.99
C ASP A 158 -7.68 -4.27 3.31
N TYR A 159 -8.47 -4.73 2.34
CA TYR A 159 -8.23 -6.00 1.65
C TYR A 159 -7.44 -5.84 0.37
N GLY A 160 -6.80 -4.69 0.14
CA GLY A 160 -6.06 -4.47 -1.09
C GLY A 160 -4.74 -3.75 -0.87
N LYS A 161 -4.39 -3.56 0.40
CA LYS A 161 -3.11 -2.95 0.71
C LYS A 161 -1.93 -3.77 0.18
N CYS A 162 -2.07 -5.10 0.07
CA CYS A 162 -0.96 -5.96 -0.35
C CYS A 162 -1.11 -6.50 -1.76
N SER A 163 -1.85 -5.81 -2.63
CA SER A 163 -2.08 -6.28 -3.98
C SER A 163 -1.99 -5.10 -4.92
N ARG A 164 -2.10 -5.38 -6.22
CA ARG A 164 -2.02 -4.31 -7.19
C ARG A 164 -3.33 -3.55 -7.31
N LEU A 165 -4.39 -3.99 -6.64
CA LEU A 165 -5.69 -3.35 -6.77
C LEU A 165 -5.72 -1.98 -6.09
N LYS A 166 -6.27 -1.00 -6.78
CA LYS A 166 -6.52 0.33 -6.25
C LYS A 166 -8.01 0.59 -6.24
N SER A 167 -8.50 1.27 -5.22
CA SER A 167 -9.90 1.67 -5.17
C SER A 167 -9.98 3.16 -4.86
N THR A 168 -11.14 3.73 -5.18
CA THR A 168 -11.37 5.13 -4.83
C THR A 168 -12.85 5.38 -4.56
N CYS A 169 -13.09 6.46 -3.83
CA CYS A 169 -14.42 6.89 -3.45
C CYS A 169 -14.78 8.15 -4.23
N ILE A 170 -15.93 8.13 -4.87
CA ILE A 170 -16.39 9.20 -5.74
C ILE A 170 -17.71 9.69 -5.18
N TYR A 171 -17.73 10.90 -4.66
CA TYR A 171 -18.85 11.41 -3.89
C TYR A 171 -18.75 12.93 -3.79
N GLY A 172 -19.93 13.57 -3.61
CA GLY A 172 -19.98 15.02 -3.62
C GLY A 172 -19.52 15.67 -2.31
N GLY A 173 -19.51 17.00 -2.33
CA GLY A 173 -19.09 17.79 -1.19
C GLY A 173 -17.60 17.82 -0.93
N ALA A 174 -16.86 16.92 -1.55
CA ALA A 174 -15.43 16.81 -1.40
C ALA A 174 -14.74 17.41 -2.61
N PRO A 175 -13.49 17.85 -2.47
CA PRO A 175 -12.78 18.41 -3.63
C PRO A 175 -12.65 17.40 -4.77
N LYS A 176 -12.79 17.91 -5.99
CA LYS A 176 -12.75 17.04 -7.17
C LYS A 176 -11.33 16.60 -7.51
N GLY A 177 -10.33 17.40 -7.17
CA GLY A 177 -8.97 17.16 -7.54
C GLY A 177 -8.46 15.76 -7.23
N PRO A 178 -8.38 15.40 -5.94
CA PRO A 178 -7.84 14.07 -5.60
C PRO A 178 -8.67 12.91 -6.14
N GLN A 179 -10.00 13.07 -6.23
CA GLN A 179 -10.81 12.02 -6.84
C GLN A 179 -10.48 11.85 -8.33
N ILE A 180 -10.35 12.97 -9.05
CA ILE A 180 -10.00 12.93 -10.47
C ILE A 180 -8.64 12.29 -10.65
N ARG A 181 -7.72 12.61 -9.75
CA ARG A 181 -6.37 12.06 -9.86
C ARG A 181 -6.39 10.55 -9.65
N ASP A 182 -7.16 10.08 -8.66
CA ASP A 182 -7.32 8.64 -8.47
C ASP A 182 -7.82 7.99 -9.74
N LEU A 183 -8.91 8.55 -10.31
CA LEU A 183 -9.53 7.99 -11.51
C LEU A 183 -8.57 7.93 -12.69
N GLU A 184 -7.82 9.02 -12.94
CA GLU A 184 -6.95 9.04 -14.11
C GLU A 184 -5.75 8.13 -13.92
N ARG A 185 -5.23 8.02 -12.71
CA ARG A 185 -4.13 7.08 -12.56
C ARG A 185 -4.59 5.64 -12.60
N GLY A 186 -5.89 5.37 -12.36
CA GLY A 186 -6.44 4.05 -12.59
C GLY A 186 -6.82 3.32 -11.32
N VAL A 187 -8.09 2.95 -11.19
CA VAL A 187 -8.56 2.14 -10.07
C VAL A 187 -9.39 0.99 -10.60
N GLU A 188 -9.18 -0.18 -10.02
CA GLU A 188 -10.01 -1.32 -10.35
C GLU A 188 -11.38 -1.25 -9.70
N ILE A 189 -11.46 -0.67 -8.49
CA ILE A 189 -12.69 -0.62 -7.72
C ILE A 189 -13.08 0.84 -7.49
N CYS A 190 -14.30 1.17 -7.87
CA CYS A 190 -14.85 2.51 -7.69
C CYS A 190 -16.09 2.37 -6.83
N ILE A 191 -16.08 3.04 -5.67
CA ILE A 191 -17.26 3.18 -4.82
C ILE A 191 -17.77 4.59 -5.00
N ALA A 192 -19.07 4.75 -5.23
CA ALA A 192 -19.58 6.07 -5.63
C ALA A 192 -20.98 6.35 -5.10
N THR A 193 -21.24 7.66 -4.78
CA THR A 193 -22.61 8.15 -4.79
C THR A 193 -22.97 8.59 -6.21
N PRO A 194 -24.26 8.59 -6.58
CA PRO A 194 -24.61 8.78 -8.01
C PRO A 194 -24.28 10.16 -8.57
N GLY A 195 -24.51 11.24 -7.82
CA GLY A 195 -24.36 12.56 -8.40
C GLY A 195 -22.96 12.86 -8.90
N ARG A 196 -21.96 12.73 -8.03
CA ARG A 196 -20.59 13.06 -8.44
C ARG A 196 -20.11 12.11 -9.55
N LEU A 197 -20.58 10.86 -9.56
CA LEU A 197 -20.13 9.98 -10.63
C LEU A 197 -20.72 10.39 -11.98
N ILE A 198 -22.01 10.74 -11.99
CA ILE A 198 -22.63 11.28 -13.20
C ILE A 198 -21.85 12.51 -13.67
N ASP A 199 -21.52 13.38 -12.72
CA ASP A 199 -20.73 14.57 -13.06
C ASP A 199 -19.42 14.20 -13.74
N PHE A 200 -18.66 13.26 -13.17
CA PHE A 200 -17.37 12.87 -13.75
C PHE A 200 -17.54 12.17 -15.10
N LEU A 201 -18.62 11.40 -15.27
CA LEU A 201 -18.83 10.71 -16.55
C LEU A 201 -19.13 11.70 -17.66
N GLU A 202 -19.96 12.71 -17.36
CA GLU A 202 -20.33 13.70 -18.37
C GLU A 202 -19.11 14.48 -18.84
N SER A 203 -18.16 14.77 -17.95
CA SER A 203 -16.98 15.54 -18.29
C SER A 203 -15.82 14.68 -18.76
N GLY A 204 -15.92 13.35 -18.68
CA GLY A 204 -14.89 12.46 -19.18
C GLY A 204 -13.75 12.16 -18.24
N LYS A 205 -13.92 12.39 -16.93
CA LYS A 205 -12.87 12.07 -15.97
C LYS A 205 -12.70 10.56 -15.77
N THR A 206 -13.77 9.79 -15.98
CA THR A 206 -13.71 8.34 -15.91
C THR A 206 -14.67 7.78 -16.95
N ASN A 207 -14.74 6.45 -17.06
CA ASN A 207 -15.71 5.84 -17.96
C ASN A 207 -15.96 4.40 -17.52
N LEU A 208 -17.06 3.84 -18.02
CA LEU A 208 -17.54 2.53 -17.58
C LEU A 208 -17.35 1.46 -18.65
N ARG A 209 -16.33 1.63 -19.50
CA ARG A 209 -16.16 0.69 -20.61
C ARG A 209 -15.58 -0.65 -20.15
N ARG A 210 -14.86 -0.67 -19.03
CA ARG A 210 -14.33 -1.92 -18.49
C ARG A 210 -15.15 -2.43 -17.31
N CYS A 211 -16.28 -1.79 -17.01
CA CYS A 211 -17.09 -2.17 -15.88
C CYS A 211 -17.83 -3.45 -16.21
N THR A 212 -17.47 -4.52 -15.53
CA THR A 212 -18.10 -5.80 -15.71
C THR A 212 -18.77 -6.33 -14.45
N TYR A 213 -18.61 -5.64 -13.32
CA TYR A 213 -19.12 -6.09 -12.02
C TYR A 213 -19.74 -4.88 -11.31
N LEU A 214 -21.06 -4.89 -11.16
CA LEU A 214 -21.83 -3.73 -10.68
C LEU A 214 -22.63 -4.12 -9.44
N VAL A 215 -22.41 -3.40 -8.35
CA VAL A 215 -23.06 -3.64 -7.06
C VAL A 215 -23.96 -2.46 -6.78
N LEU A 216 -25.23 -2.72 -6.48
CA LEU A 216 -26.14 -1.74 -5.90
C LEU A 216 -26.28 -2.12 -4.44
N ASP A 217 -25.56 -1.42 -3.58
CA ASP A 217 -25.76 -1.62 -2.16
C ASP A 217 -26.99 -0.82 -1.75
N GLU A 218 -27.64 -1.27 -0.69
CA GLU A 218 -28.91 -0.69 -0.25
C GLU A 218 -29.86 -0.59 -1.45
N ALA A 219 -29.93 -1.68 -2.19
CA ALA A 219 -30.51 -1.64 -3.54
C ALA A 219 -31.94 -1.08 -3.55
N ASP A 220 -32.77 -1.41 -2.56
CA ASP A 220 -34.13 -0.87 -2.59
C ASP A 220 -34.15 0.64 -2.45
N ARG A 221 -33.19 1.23 -1.70
CA ARG A 221 -33.13 2.70 -1.65
C ARG A 221 -32.68 3.28 -2.98
N MET A 222 -31.75 2.62 -3.66
CA MET A 222 -31.26 3.12 -4.93
C MET A 222 -32.31 3.04 -6.01
N LEU A 223 -33.35 2.23 -5.82
CA LEU A 223 -34.41 2.11 -6.80
C LEU A 223 -35.63 2.93 -6.47
N ASP A 224 -35.61 3.72 -5.39
CA ASP A 224 -36.74 4.57 -5.11
C ASP A 224 -36.83 5.69 -6.15
N MET A 225 -37.85 6.54 -6.01
CA MET A 225 -38.16 7.45 -7.11
C MET A 225 -37.15 8.58 -7.27
N GLY A 226 -36.36 8.91 -6.25
CA GLY A 226 -35.33 9.93 -6.43
C GLY A 226 -34.01 9.39 -6.95
N PHE A 227 -33.69 8.14 -6.64
CA PHE A 227 -32.43 7.56 -7.06
C PHE A 227 -32.53 6.81 -8.39
N GLU A 228 -33.64 6.11 -8.62
CA GLU A 228 -33.82 5.35 -9.86
C GLU A 228 -33.37 6.08 -11.12
N PRO A 229 -33.71 7.35 -11.38
CA PRO A 229 -33.25 7.98 -12.63
C PRO A 229 -31.75 8.22 -12.67
N GLN A 230 -31.13 8.55 -11.53
CA GLN A 230 -29.67 8.64 -11.51
C GLN A 230 -29.03 7.27 -11.72
N ILE A 231 -29.55 6.24 -11.06
CA ILE A 231 -29.06 4.88 -11.26
C ILE A 231 -29.17 4.50 -12.73
N ARG A 232 -30.30 4.87 -13.36
CA ARG A 232 -30.53 4.53 -14.76
C ARG A 232 -29.52 5.20 -15.67
N LYS A 233 -29.23 6.49 -15.41
CA LYS A 233 -28.24 7.18 -16.24
C LYS A 233 -26.90 6.48 -16.14
N ILE A 234 -26.44 6.17 -14.91
CA ILE A 234 -25.14 5.51 -14.77
C ILE A 234 -25.14 4.18 -15.50
N VAL A 235 -26.17 3.35 -15.25
CA VAL A 235 -26.18 1.97 -15.73
C VAL A 235 -26.39 1.89 -17.23
N ASP A 236 -27.00 2.92 -17.83
CA ASP A 236 -27.04 3.03 -19.28
C ASP A 236 -25.65 3.19 -19.89
N GLN A 237 -24.61 3.41 -19.10
CA GLN A 237 -23.25 3.52 -19.64
C GLN A 237 -22.47 2.22 -19.54
N ILE A 238 -23.07 1.14 -19.06
CA ILE A 238 -22.36 -0.08 -18.74
C ILE A 238 -22.82 -1.16 -19.70
N ARG A 239 -21.88 -1.99 -20.16
CA ARG A 239 -22.19 -3.03 -21.14
C ARG A 239 -23.29 -3.96 -20.59
N PRO A 240 -24.22 -4.38 -21.44
CA PRO A 240 -25.39 -5.11 -20.91
C PRO A 240 -25.07 -6.52 -20.47
N ASP A 241 -23.88 -7.05 -20.78
CA ASP A 241 -23.49 -8.38 -20.33
C ASP A 241 -22.76 -8.33 -18.99
N ARG A 242 -22.70 -7.16 -18.35
CA ARG A 242 -22.15 -7.03 -17.00
C ARG A 242 -22.87 -7.94 -16.02
N GLN A 243 -22.20 -8.23 -14.91
CA GLN A 243 -22.80 -8.92 -13.78
C GLN A 243 -23.35 -7.89 -12.81
N THR A 244 -24.58 -8.08 -12.35
CA THR A 244 -25.28 -7.10 -11.51
C THR A 244 -25.71 -7.77 -10.21
N LEU A 245 -25.34 -7.14 -9.07
CA LEU A 245 -25.57 -7.72 -7.75
C LEU A 245 -26.19 -6.66 -6.85
N MET A 246 -27.39 -6.96 -6.33
CA MET A 246 -28.14 -6.04 -5.50
C MET A 246 -28.23 -6.59 -4.09
N TRP A 247 -28.08 -5.72 -3.10
CA TRP A 247 -27.99 -6.15 -1.71
C TRP A 247 -28.84 -5.26 -0.83
N SER A 248 -29.54 -5.87 0.12
CA SER A 248 -30.22 -5.06 1.14
C SER A 248 -30.76 -5.95 2.24
N ALA A 249 -30.99 -5.33 3.39
CA ALA A 249 -31.75 -5.98 4.44
C ALA A 249 -33.25 -5.98 4.17
N THR A 250 -33.76 -5.09 3.33
CA THR A 250 -35.18 -5.01 3.04
C THR A 250 -35.41 -5.08 1.53
N TRP A 251 -36.47 -5.77 1.12
CA TRP A 251 -36.76 -5.97 -0.30
C TRP A 251 -38.27 -5.92 -0.44
N PRO A 252 -38.85 -4.71 -0.41
CA PRO A 252 -40.31 -4.60 -0.52
C PRO A 252 -40.79 -4.82 -1.95
N LYS A 253 -42.03 -5.32 -2.03
CA LYS A 253 -42.72 -5.60 -3.30
C LYS A 253 -42.51 -4.47 -4.31
N GLU A 254 -42.68 -3.22 -3.88
CA GLU A 254 -42.68 -2.07 -4.79
C GLU A 254 -41.40 -1.94 -5.62
N VAL A 255 -40.28 -2.52 -5.18
CA VAL A 255 -39.05 -2.38 -5.95
C VAL A 255 -38.82 -3.55 -6.90
N ARG A 256 -39.49 -4.69 -6.67
CA ARG A 256 -39.04 -5.95 -7.25
C ARG A 256 -39.05 -5.91 -8.77
N GLN A 257 -40.22 -5.71 -9.37
CA GLN A 257 -40.33 -5.54 -10.82
C GLN A 257 -39.30 -4.54 -11.36
N LEU A 258 -39.17 -3.39 -10.70
CA LEU A 258 -38.26 -2.36 -11.19
C LEU A 258 -36.82 -2.88 -11.22
N ALA A 259 -36.43 -3.64 -10.19
CA ALA A 259 -35.06 -4.14 -10.14
C ALA A 259 -34.76 -4.96 -11.39
N GLU A 260 -35.78 -5.61 -11.95
CA GLU A 260 -35.53 -6.49 -13.09
C GLU A 260 -35.20 -5.72 -14.36
N ASP A 261 -35.43 -4.41 -14.38
CA ASP A 261 -34.93 -3.60 -15.49
C ASP A 261 -33.41 -3.59 -15.56
N PHE A 262 -32.74 -3.89 -14.43
CA PHE A 262 -31.28 -3.86 -14.37
C PHE A 262 -30.66 -5.23 -14.20
N LEU A 263 -31.46 -6.30 -14.27
CA LEU A 263 -30.98 -7.64 -14.05
C LEU A 263 -31.30 -8.52 -15.25
N ARG A 264 -30.41 -9.46 -15.55
CA ARG A 264 -30.67 -10.55 -16.49
C ARG A 264 -31.24 -11.75 -15.74
N ASP A 265 -30.87 -12.96 -16.13
CA ASP A 265 -31.39 -14.17 -15.50
C ASP A 265 -30.84 -14.32 -14.09
N TYR A 266 -31.47 -13.71 -13.11
CA TYR A 266 -30.85 -13.56 -11.80
C TYR A 266 -31.43 -14.52 -10.77
N THR A 267 -30.65 -14.69 -9.72
CA THR A 267 -30.99 -15.54 -8.59
C THR A 267 -31.15 -14.67 -7.35
N GLN A 268 -32.19 -14.95 -6.60
CA GLN A 268 -32.47 -14.26 -5.36
C GLN A 268 -32.20 -15.20 -4.20
N ILE A 269 -31.52 -14.70 -3.20
CA ILE A 269 -31.31 -15.46 -1.98
C ILE A 269 -31.72 -14.58 -0.82
N ASN A 270 -32.36 -15.20 0.16
CA ASN A 270 -32.80 -14.54 1.37
C ASN A 270 -32.23 -15.28 2.56
N VAL A 271 -31.86 -14.56 3.60
CA VAL A 271 -31.54 -15.20 4.86
C VAL A 271 -32.56 -14.72 5.87
N GLY A 272 -33.13 -15.66 6.62
CA GLY A 272 -34.14 -15.31 7.59
C GLY A 272 -35.52 -15.22 6.96
N ASN A 273 -36.43 -14.64 7.73
CA ASN A 273 -37.82 -14.59 7.31
C ASN A 273 -37.95 -13.91 5.96
N LEU A 274 -38.79 -14.47 5.09
CA LEU A 274 -39.01 -13.87 3.79
C LEU A 274 -39.76 -12.55 3.87
N GLU A 275 -40.57 -12.35 4.91
CA GLU A 275 -41.20 -11.07 5.12
C GLU A 275 -40.23 -10.08 5.78
N LEU A 276 -40.69 -8.84 5.89
CA LEU A 276 -39.91 -7.78 6.52
C LEU A 276 -39.57 -8.12 7.96
N SER A 277 -38.30 -8.00 8.31
CA SER A 277 -37.85 -8.48 9.61
C SER A 277 -36.69 -7.63 10.09
N ALA A 278 -36.68 -7.34 11.39
CA ALA A 278 -35.52 -6.73 12.02
C ALA A 278 -34.51 -7.81 12.42
N ASN A 279 -33.28 -7.36 12.70
CA ASN A 279 -32.26 -8.20 13.33
C ASN A 279 -32.75 -8.61 14.71
N HIS A 280 -32.72 -9.92 15.02
CA HIS A 280 -33.36 -10.39 16.24
C HIS A 280 -32.53 -10.16 17.50
N ASN A 281 -31.32 -9.63 17.37
CA ASN A 281 -30.51 -9.28 18.53
C ASN A 281 -30.78 -7.88 19.08
N ILE A 282 -31.77 -7.16 18.55
CA ILE A 282 -32.12 -5.83 19.06
C ILE A 282 -33.28 -5.98 20.03
N LEU A 283 -33.09 -5.54 21.26
CA LEU A 283 -34.22 -5.32 22.14
C LEU A 283 -35.04 -4.12 21.63
N GLN A 284 -36.30 -4.35 21.25
CA GLN A 284 -37.15 -3.31 20.67
C GLN A 284 -38.10 -2.78 21.73
N ILE A 285 -38.03 -1.47 21.99
CA ILE A 285 -38.88 -0.81 22.99
C ILE A 285 -39.60 0.37 22.33
N VAL A 286 -40.94 0.39 22.44
CA VAL A 286 -41.78 1.42 21.83
C VAL A 286 -42.56 2.14 22.94
N ASP A 287 -42.36 3.45 23.04
CA ASP A 287 -43.09 4.32 23.96
C ASP A 287 -44.18 5.08 23.18
N VAL A 288 -45.41 4.98 23.65
CA VAL A 288 -46.51 5.75 23.11
C VAL A 288 -46.61 7.03 23.94
N CYS A 289 -46.37 8.18 23.31
CA CYS A 289 -46.51 9.45 23.99
C CYS A 289 -47.02 10.49 22.99
N MET A 290 -47.24 11.71 23.49
CA MET A 290 -47.57 12.82 22.60
C MET A 290 -46.31 13.46 22.05
N GLU A 291 -46.48 14.22 20.96
CA GLU A 291 -45.34 14.93 20.38
C GLU A 291 -44.68 15.79 21.44
N SER A 292 -45.50 16.48 22.22
CA SER A 292 -45.04 17.48 23.16
C SER A 292 -44.20 16.90 24.30
N GLU A 293 -44.30 15.60 24.60
CA GLU A 293 -43.45 15.07 25.66
C GLU A 293 -42.14 14.48 25.15
N LYS A 294 -41.94 14.44 23.83
CA LYS A 294 -40.73 13.86 23.25
C LYS A 294 -39.46 14.43 23.91
N ASP A 295 -39.34 15.76 23.98
CA ASP A 295 -38.16 16.35 24.59
C ASP A 295 -37.92 15.77 25.99
N HIS A 296 -38.95 15.87 26.84
CA HIS A 296 -38.77 15.41 28.21
C HIS A 296 -38.42 13.93 28.21
N LYS A 297 -39.11 13.15 27.38
CA LYS A 297 -38.85 11.71 27.39
C LYS A 297 -37.41 11.43 27.00
N LEU A 298 -36.89 12.16 26.00
CA LEU A 298 -35.51 11.94 25.59
C LEU A 298 -34.57 12.18 26.74
N ILE A 299 -34.75 13.30 27.45
CA ILE A 299 -33.82 13.62 28.50
C ILE A 299 -33.79 12.50 29.51
N GLN A 300 -34.97 11.97 29.87
CA GLN A 300 -34.95 10.94 30.89
C GLN A 300 -34.24 9.69 30.37
N LEU A 301 -34.52 9.31 29.11
CA LEU A 301 -33.81 8.20 28.48
C LEU A 301 -32.30 8.40 28.53
N MET A 302 -31.83 9.60 28.13
CA MET A 302 -30.40 9.83 28.07
C MET A 302 -29.81 9.75 29.47
N GLU A 303 -30.54 10.24 30.48
CA GLU A 303 -29.99 10.18 31.82
C GLU A 303 -29.78 8.74 32.24
N GLU A 304 -30.65 7.82 31.80
CA GLU A 304 -30.40 6.41 32.06
C GLU A 304 -29.21 5.91 31.23
N ILE A 305 -29.20 6.20 29.93
CA ILE A 305 -28.19 5.62 29.04
C ILE A 305 -26.79 6.05 29.49
N MET A 306 -26.62 7.33 29.78
CA MET A 306 -25.36 7.93 30.17
C MET A 306 -24.92 7.53 31.57
N ALA A 307 -25.73 6.76 32.30
CA ALA A 307 -25.26 6.27 33.59
C ALA A 307 -24.46 4.99 33.45
N GLU A 308 -24.26 4.50 32.23
CA GLU A 308 -23.53 3.28 31.93
C GLU A 308 -22.31 3.57 31.04
N LYS A 309 -21.29 2.72 31.16
CA LYS A 309 -20.06 2.91 30.42
C LYS A 309 -20.29 2.76 28.92
N GLU A 310 -21.07 1.76 28.53
CA GLU A 310 -21.31 1.52 27.11
C GLU A 310 -22.55 2.31 26.71
N ASN A 311 -22.33 3.52 26.22
CA ASN A 311 -23.43 4.47 26.09
C ASN A 311 -23.63 5.01 24.69
N LYS A 312 -22.92 4.50 23.68
CA LYS A 312 -22.91 5.12 22.36
C LYS A 312 -24.30 5.02 21.73
N THR A 313 -24.85 6.17 21.33
CA THR A 313 -26.26 6.31 20.97
C THR A 313 -26.42 7.10 19.69
N ILE A 314 -27.26 6.61 18.79
CA ILE A 314 -27.74 7.40 17.64
C ILE A 314 -29.20 7.73 17.88
N ILE A 315 -29.55 9.00 17.67
CA ILE A 315 -30.91 9.52 17.78
C ILE A 315 -31.32 9.98 16.39
N PHE A 316 -32.43 9.42 15.86
CA PHE A 316 -32.94 9.75 14.54
C PHE A 316 -34.17 10.67 14.62
N VAL A 317 -34.20 11.71 13.77
CA VAL A 317 -35.28 12.68 13.68
C VAL A 317 -35.67 12.85 12.20
N GLU A 318 -36.84 13.44 11.96
CA GLU A 318 -37.40 13.40 10.60
C GLU A 318 -36.80 14.45 9.67
N THR A 319 -36.39 15.62 10.17
CA THR A 319 -35.98 16.70 9.28
C THR A 319 -34.63 17.27 9.70
N LYS A 320 -33.97 17.92 8.73
CA LYS A 320 -32.74 18.64 9.05
C LYS A 320 -32.98 19.74 10.10
N ARG A 321 -34.10 20.46 10.00
CA ARG A 321 -34.36 21.54 10.95
C ARG A 321 -34.52 21.02 12.37
N ARG A 322 -35.32 19.97 12.55
CA ARG A 322 -35.43 19.36 13.86
C ARG A 322 -34.11 18.73 14.31
N CYS A 323 -33.33 18.19 13.37
CA CYS A 323 -31.99 17.72 13.74
C CYS A 323 -31.20 18.83 14.41
N ASP A 324 -31.14 20.00 13.76
CA ASP A 324 -30.38 21.13 14.29
C ASP A 324 -30.95 21.60 15.62
N ASP A 325 -32.28 21.78 15.68
CA ASP A 325 -32.93 22.33 16.86
C ASP A 325 -32.77 21.40 18.06
N LEU A 326 -33.08 20.11 17.88
CA LEU A 326 -32.88 19.16 18.96
C LEU A 326 -31.43 19.12 19.40
N THR A 327 -30.47 19.10 18.45
CA THR A 327 -29.05 19.10 18.83
C THR A 327 -28.71 20.33 19.68
N ARG A 328 -29.17 21.51 19.25
CA ARG A 328 -28.88 22.74 19.98
C ARG A 328 -29.53 22.73 21.35
N ARG A 329 -30.78 22.25 21.45
CA ARG A 329 -31.43 22.19 22.76
C ARG A 329 -30.72 21.21 23.68
N MET A 330 -30.20 20.12 23.13
CA MET A 330 -29.46 19.17 23.95
C MET A 330 -28.15 19.78 24.43
N ARG A 331 -27.46 20.51 23.55
CA ARG A 331 -26.15 21.06 23.88
C ARG A 331 -26.22 22.34 24.71
N ARG A 332 -27.26 23.15 24.53
CA ARG A 332 -27.54 24.22 25.47
C ARG A 332 -27.96 23.64 26.82
N ASP A 333 -28.95 22.74 26.83
CA ASP A 333 -29.13 21.93 28.01
C ASP A 333 -27.79 21.27 28.31
N GLY A 334 -26.97 20.97 27.30
CA GLY A 334 -25.56 20.84 27.61
C GLY A 334 -24.97 19.48 27.29
N TRP A 335 -25.77 18.53 26.80
CA TRP A 335 -25.33 17.17 26.59
C TRP A 335 -24.20 17.10 25.55
N PRO A 336 -23.30 16.10 25.65
CA PRO A 336 -22.23 15.90 24.65
C PRO A 336 -22.72 15.31 23.34
N ALA A 337 -23.55 16.07 22.62
CA ALA A 337 -24.26 15.57 21.46
C ALA A 337 -23.86 16.35 20.22
N MET A 338 -23.72 15.65 19.09
CA MET A 338 -23.42 16.32 17.82
C MET A 338 -24.38 15.83 16.76
N CYS A 339 -24.53 16.57 15.66
CA CYS A 339 -25.49 16.16 14.64
C CYS A 339 -24.83 16.00 13.27
N ILE A 340 -25.50 15.20 12.43
CA ILE A 340 -25.13 15.01 11.03
C ILE A 340 -26.39 15.04 10.18
N HIS A 341 -26.39 15.84 9.11
CA HIS A 341 -27.50 15.90 8.17
C HIS A 341 -27.02 16.58 6.90
N GLY A 342 -27.90 16.63 5.90
CA GLY A 342 -27.52 17.01 4.54
C GLY A 342 -27.22 18.48 4.34
N ASP A 343 -27.54 19.35 5.29
CA ASP A 343 -27.16 20.75 5.16
C ASP A 343 -25.84 21.06 5.86
N LYS A 344 -25.23 20.08 6.51
CA LYS A 344 -23.88 20.27 7.00
C LYS A 344 -22.91 20.24 5.83
N SER A 345 -21.89 21.08 5.91
CA SER A 345 -20.70 20.93 5.08
C SER A 345 -20.15 19.51 5.18
N GLN A 346 -19.66 18.98 4.05
CA GLN A 346 -19.02 17.67 4.07
C GLN A 346 -17.85 17.57 5.06
N PRO A 347 -16.97 18.57 5.17
CA PRO A 347 -16.02 18.55 6.29
C PRO A 347 -16.68 18.34 7.65
N GLU A 348 -17.78 19.03 7.94
CA GLU A 348 -18.40 18.87 9.25
C GLU A 348 -19.01 17.48 9.39
N ARG A 349 -19.58 16.94 8.31
CA ARG A 349 -20.18 15.61 8.35
C ARG A 349 -19.11 14.55 8.64
N ASP A 350 -17.99 14.64 7.92
CA ASP A 350 -16.89 13.71 8.16
C ASP A 350 -16.34 13.86 9.56
N TRP A 351 -16.11 15.10 10.01
CA TRP A 351 -15.58 15.29 11.36
C TRP A 351 -16.51 14.66 12.40
N VAL A 352 -17.83 14.88 12.28
CA VAL A 352 -18.75 14.38 13.29
C VAL A 352 -18.78 12.85 13.30
N LEU A 353 -18.86 12.23 12.10
CA LEU A 353 -18.91 10.77 12.05
C LEU A 353 -17.59 10.15 12.52
N ASN A 354 -16.45 10.78 12.21
CA ASN A 354 -15.18 10.27 12.75
C ASN A 354 -15.14 10.38 14.27
N GLU A 355 -15.59 11.51 14.84
CA GLU A 355 -15.62 11.63 16.29
C GLU A 355 -16.53 10.57 16.89
N PHE A 356 -17.63 10.24 16.21
CA PHE A 356 -18.56 9.24 16.73
C PHE A 356 -17.98 7.83 16.63
N ARG A 357 -17.30 7.53 15.52
CA ARG A 357 -16.68 6.22 15.34
C ARG A 357 -15.66 5.96 16.43
N SER A 358 -14.85 6.97 16.73
CA SER A 358 -13.66 6.81 17.54
C SER A 358 -13.92 6.92 19.03
N GLY A 359 -15.17 7.10 19.46
CA GLY A 359 -15.48 7.13 20.87
C GLY A 359 -15.22 8.45 21.57
N LYS A 360 -14.91 9.51 20.83
CA LYS A 360 -14.79 10.84 21.42
C LYS A 360 -16.13 11.50 21.63
N ALA A 361 -17.17 10.99 21.01
CA ALA A 361 -18.46 11.66 21.10
C ALA A 361 -19.55 10.59 21.17
N PRO A 362 -20.25 10.47 22.30
CA PRO A 362 -21.16 9.32 22.48
C PRO A 362 -22.55 9.49 21.87
N ILE A 363 -22.95 10.69 21.46
CA ILE A 363 -24.31 10.94 21.03
C ILE A 363 -24.30 11.56 19.64
N LEU A 364 -24.83 10.83 18.67
CA LEU A 364 -25.04 11.35 17.33
C LEU A 364 -26.54 11.57 17.09
N ILE A 365 -26.89 12.76 16.60
CA ILE A 365 -28.27 13.07 16.22
C ILE A 365 -28.26 13.22 14.70
N ALA A 366 -29.16 12.50 14.03
CA ALA A 366 -29.08 12.33 12.58
C ALA A 366 -30.46 12.29 11.95
N THR A 367 -30.52 12.72 10.69
CA THR A 367 -31.62 12.39 9.79
C THR A 367 -31.39 11.00 9.22
N ASP A 368 -32.21 10.59 8.25
CA ASP A 368 -32.04 9.29 7.63
C ASP A 368 -30.74 9.17 6.82
N VAL A 369 -29.94 10.24 6.74
CA VAL A 369 -28.60 10.13 6.16
C VAL A 369 -27.75 9.07 6.86
N ALA A 370 -28.04 8.76 8.12
CA ALA A 370 -27.29 7.78 8.89
C ALA A 370 -28.06 6.49 9.09
N SER A 371 -29.12 6.28 8.32
CA SER A 371 -30.02 5.16 8.62
C SER A 371 -29.60 3.87 7.92
N ARG A 372 -28.85 3.96 6.82
CA ARG A 372 -28.54 2.74 6.07
C ARG A 372 -27.05 2.49 6.09
N GLY A 373 -26.66 1.22 6.24
CA GLY A 373 -25.30 0.82 5.96
C GLY A 373 -24.22 1.15 6.98
N LEU A 374 -24.25 2.32 7.60
CA LEU A 374 -23.17 2.72 8.50
C LEU A 374 -22.89 1.62 9.51
N ASP A 375 -21.61 1.31 9.69
CA ASP A 375 -21.11 0.23 10.55
C ASP A 375 -20.21 0.87 11.60
N VAL A 376 -20.77 1.29 12.73
CA VAL A 376 -20.03 2.06 13.72
C VAL A 376 -19.84 1.17 14.94
N GLU A 377 -18.59 0.98 15.33
CA GLU A 377 -18.26 0.12 16.47
C GLU A 377 -18.98 0.57 17.73
N ASP A 378 -19.61 -0.40 18.40
CA ASP A 378 -20.11 -0.25 19.76
C ASP A 378 -21.32 0.66 19.87
N VAL A 379 -22.08 0.91 18.79
CA VAL A 379 -23.37 1.57 19.01
C VAL A 379 -24.25 0.67 19.85
N LYS A 380 -24.64 1.14 21.04
CA LYS A 380 -25.45 0.34 21.94
C LYS A 380 -26.93 0.76 21.98
N PHE A 381 -27.27 2.01 21.60
CA PHE A 381 -28.66 2.47 21.60
C PHE A 381 -28.99 3.22 20.31
N VAL A 382 -30.20 2.95 19.80
CA VAL A 382 -30.79 3.73 18.71
C VAL A 382 -32.15 4.26 19.20
N ILE A 383 -32.40 5.54 19.00
CA ILE A 383 -33.59 6.18 19.53
C ILE A 383 -34.30 6.87 18.37
N ASN A 384 -35.48 6.37 18.01
CA ASN A 384 -36.32 7.07 17.06
C ASN A 384 -37.07 8.13 17.84
N TYR A 385 -36.46 9.32 17.89
CA TYR A 385 -37.16 10.49 18.40
C TYR A 385 -38.43 10.76 17.59
N ASP A 386 -38.33 10.69 16.26
CA ASP A 386 -39.47 10.74 15.33
C ASP A 386 -39.56 9.40 14.63
N TYR A 387 -40.77 8.83 14.60
CA TYR A 387 -40.97 7.60 13.85
C TYR A 387 -40.66 7.83 12.37
N PRO A 388 -40.04 6.87 11.69
CA PRO A 388 -39.65 7.11 10.29
C PRO A 388 -40.82 7.02 9.30
N ASN A 389 -40.51 7.19 8.02
CA ASN A 389 -41.51 7.21 6.95
C ASN A 389 -42.07 5.85 6.60
N SER A 390 -41.38 4.78 6.97
CA SER A 390 -41.76 3.45 6.56
C SER A 390 -41.17 2.43 7.54
N SER A 391 -41.82 1.26 7.55
CA SER A 391 -41.35 0.09 8.26
C SER A 391 -39.93 -0.30 7.85
N GLU A 392 -39.65 -0.27 6.54
CA GLU A 392 -38.30 -0.56 6.07
C GLU A 392 -37.27 0.38 6.71
N ASP A 393 -37.51 1.69 6.62
CA ASP A 393 -36.61 2.63 7.30
C ASP A 393 -36.47 2.31 8.78
N TYR A 394 -37.57 1.91 9.43
CA TYR A 394 -37.47 1.54 10.84
C TYR A 394 -36.44 0.42 11.03
N VAL A 395 -36.52 -0.61 10.18
CA VAL A 395 -35.65 -1.77 10.33
C VAL A 395 -34.19 -1.39 10.12
N HIS A 396 -33.92 -0.59 9.08
CA HIS A 396 -32.55 -0.15 8.83
C HIS A 396 -32.03 0.74 9.99
N ARG A 397 -32.84 1.69 10.46
CA ARG A 397 -32.38 2.57 11.54
C ARG A 397 -31.97 1.76 12.76
N ILE A 398 -32.85 0.88 13.23
CA ILE A 398 -32.50 0.19 14.46
C ILE A 398 -31.36 -0.78 14.20
N GLY A 399 -31.14 -1.17 12.93
CA GLY A 399 -30.00 -2.00 12.62
C GLY A 399 -28.66 -1.27 12.68
N ARG A 400 -28.63 0.02 13.08
CA ARG A 400 -27.34 0.65 13.35
C ARG A 400 -26.68 0.09 14.61
N THR A 401 -27.44 -0.61 15.47
CA THR A 401 -26.86 -1.30 16.61
C THR A 401 -27.00 -2.80 16.39
N ALA A 402 -26.49 -3.58 17.35
CA ALA A 402 -26.53 -5.04 17.26
C ALA A 402 -26.01 -5.52 15.91
N ARG A 403 -24.83 -5.03 15.54
CA ARG A 403 -24.16 -5.49 14.35
C ARG A 403 -23.39 -6.77 14.65
N SER A 404 -23.13 -7.53 13.59
CA SER A 404 -22.42 -8.80 13.68
C SER A 404 -23.13 -9.65 14.76
N THR A 405 -22.43 -10.03 15.83
CA THR A 405 -23.04 -10.81 16.90
C THR A 405 -23.46 -10.00 18.13
N ASN A 406 -23.14 -8.71 18.18
CA ASN A 406 -23.42 -7.86 19.35
C ASN A 406 -24.92 -7.66 19.56
N LYS A 407 -25.26 -7.27 20.78
CA LYS A 407 -26.63 -6.91 21.10
C LYS A 407 -26.75 -5.39 21.18
N GLY A 408 -27.99 -4.92 21.18
CA GLY A 408 -28.24 -3.48 21.23
C GLY A 408 -29.70 -3.25 21.52
N THR A 409 -30.03 -2.00 21.79
CA THR A 409 -31.38 -1.66 22.20
C THR A 409 -31.91 -0.52 21.36
N ALA A 410 -33.19 -0.61 21.00
CA ALA A 410 -33.87 0.41 20.22
C ALA A 410 -35.07 0.93 21.01
N TYR A 411 -35.14 2.24 21.18
CA TYR A 411 -36.27 2.92 21.81
C TYR A 411 -36.98 3.76 20.77
N THR A 412 -38.30 3.67 20.71
CA THR A 412 -39.04 4.41 19.71
C THR A 412 -40.14 5.24 20.38
N PHE A 413 -40.19 6.54 20.04
CA PHE A 413 -41.24 7.45 20.52
C PHE A 413 -42.38 7.46 19.50
N PHE A 414 -43.50 6.86 19.85
CA PHE A 414 -44.61 6.66 18.92
C PHE A 414 -45.78 7.54 19.36
N THR A 415 -46.36 8.29 18.42
CA THR A 415 -47.41 9.24 18.75
C THR A 415 -48.68 8.98 17.95
N PRO A 416 -49.83 9.48 18.42
CA PRO A 416 -51.07 9.33 17.64
C PRO A 416 -50.94 9.77 16.20
N GLY A 417 -50.13 10.78 15.89
CA GLY A 417 -49.85 11.14 14.50
C GLY A 417 -49.10 10.09 13.69
N ASN A 418 -48.54 9.06 14.34
CA ASN A 418 -47.93 7.93 13.65
C ASN A 418 -48.90 6.79 13.46
N LEU A 419 -50.18 6.99 13.75
CA LEU A 419 -51.10 5.85 13.91
C LEU A 419 -51.18 4.97 12.66
N LYS A 420 -51.19 5.56 11.47
CA LYS A 420 -51.36 4.75 10.26
C LYS A 420 -50.19 3.79 10.02
N GLN A 421 -49.08 3.92 10.75
CA GLN A 421 -48.00 2.96 10.61
C GLN A 421 -48.00 1.89 11.70
N ALA A 422 -48.86 2.03 12.71
CA ALA A 422 -48.80 1.16 13.88
C ALA A 422 -48.88 -0.31 13.50
N ARG A 423 -49.83 -0.66 12.63
CA ARG A 423 -50.02 -2.05 12.24
C ARG A 423 -48.74 -2.66 11.74
N GLU A 424 -48.08 -1.98 10.80
CA GLU A 424 -46.87 -2.55 10.21
C GLU A 424 -45.81 -2.69 11.28
N LEU A 425 -45.71 -1.69 12.17
CA LEU A 425 -44.73 -1.81 13.24
C LEU A 425 -45.02 -3.04 14.09
N ILE A 426 -46.29 -3.25 14.45
CA ILE A 426 -46.62 -4.39 15.28
C ILE A 426 -46.15 -5.67 14.60
N LYS A 427 -46.29 -5.72 13.27
CA LYS A 427 -45.91 -6.93 12.57
C LYS A 427 -44.40 -7.17 12.64
N VAL A 428 -43.59 -6.10 12.59
CA VAL A 428 -42.15 -6.26 12.77
C VAL A 428 -41.86 -6.76 14.18
N LEU A 429 -42.51 -6.14 15.18
CA LEU A 429 -42.23 -6.49 16.57
C LEU A 429 -42.58 -7.96 16.85
N GLU A 430 -43.75 -8.40 16.38
CA GLU A 430 -44.14 -9.80 16.55
C GLU A 430 -43.19 -10.75 15.81
N GLU A 431 -42.72 -10.35 14.63
CA GLU A 431 -41.84 -11.23 13.89
C GLU A 431 -40.52 -11.43 14.64
N ALA A 432 -40.12 -10.46 15.46
CA ALA A 432 -38.94 -10.58 16.29
C ALA A 432 -39.27 -11.03 17.71
N ASN A 433 -40.47 -11.59 17.94
CA ASN A 433 -40.84 -12.15 19.23
C ASN A 433 -40.69 -11.14 20.37
N GLN A 434 -40.98 -9.87 20.09
CA GLN A 434 -40.84 -8.84 21.11
C GLN A 434 -42.07 -8.76 22.02
N ALA A 435 -41.85 -8.29 23.23
CA ALA A 435 -42.94 -7.93 24.11
C ALA A 435 -43.55 -6.63 23.62
N ILE A 436 -44.83 -6.67 23.23
CA ILE A 436 -45.50 -5.53 22.64
C ILE A 436 -46.07 -4.65 23.76
N ASN A 437 -45.74 -3.37 23.73
CA ASN A 437 -46.33 -2.38 24.61
C ASN A 437 -47.86 -2.47 24.53
N PRO A 438 -48.57 -2.79 25.62
CA PRO A 438 -50.04 -2.80 25.57
C PRO A 438 -50.60 -1.46 25.15
N LYS A 439 -49.93 -0.37 25.49
CA LYS A 439 -50.39 0.95 25.08
C LYS A 439 -50.40 1.07 23.56
N LEU A 440 -49.41 0.47 22.88
CA LEU A 440 -49.44 0.49 21.42
C LEU A 440 -50.68 -0.24 20.87
N MET A 441 -50.94 -1.46 21.38
CA MET A 441 -52.13 -2.21 20.96
C MET A 441 -53.41 -1.42 21.21
N GLN A 442 -53.56 -0.91 22.43
CA GLN A 442 -54.75 -0.17 22.82
C GLN A 442 -54.92 1.11 21.99
N LEU A 443 -53.81 1.77 21.62
CA LEU A 443 -53.89 2.88 20.69
C LEU A 443 -54.47 2.44 19.35
N VAL A 444 -54.02 1.28 18.84
CA VAL A 444 -54.58 0.83 17.56
C VAL A 444 -56.06 0.47 17.68
N ASP A 445 -56.47 -0.18 18.77
CA ASP A 445 -57.83 -0.69 18.84
C ASP A 445 -58.87 0.41 18.94
N HIS A 446 -58.49 1.59 19.43
CA HIS A 446 -59.44 2.70 19.58
C HIS A 446 -59.47 3.62 18.37
N LYS B 13 20.01 -13.48 -27.31
CA LYS B 13 18.69 -13.11 -27.82
C LYS B 13 18.80 -12.20 -29.05
N TRP B 14 18.40 -12.73 -30.21
CA TRP B 14 18.37 -11.95 -31.43
C TRP B 14 17.19 -10.97 -31.37
N ASP B 15 17.50 -9.68 -31.21
CA ASP B 15 16.49 -8.67 -30.90
C ASP B 15 15.99 -8.04 -32.21
N LEU B 16 14.73 -8.31 -32.55
CA LEU B 16 14.06 -7.56 -33.61
C LEU B 16 13.55 -6.25 -33.04
N SER B 17 13.63 -5.19 -33.86
CA SER B 17 13.35 -3.84 -33.37
C SER B 17 11.91 -3.67 -32.91
N GLU B 18 10.98 -4.50 -33.41
CA GLU B 18 9.56 -4.34 -33.11
C GLU B 18 9.20 -4.83 -31.71
N LEU B 19 9.72 -4.17 -30.69
CA LEU B 19 9.54 -4.49 -29.28
C LEU B 19 8.42 -3.65 -28.67
N PRO B 20 8.01 -3.93 -27.43
CA PRO B 20 6.97 -3.11 -26.78
C PRO B 20 7.35 -1.64 -26.71
N LYS B 21 6.34 -0.81 -26.45
CA LYS B 21 6.52 0.64 -26.52
C LYS B 21 7.49 1.13 -25.45
N PHE B 22 8.38 2.03 -25.85
CA PHE B 22 9.43 2.55 -24.97
C PHE B 22 9.40 4.08 -25.12
N GLU B 23 8.63 4.73 -24.24
CA GLU B 23 8.55 6.19 -24.25
C GLU B 23 9.84 6.75 -23.70
N LYS B 24 10.55 7.52 -24.54
CA LYS B 24 11.75 8.23 -24.15
C LYS B 24 11.52 9.73 -24.37
N ASN B 25 12.51 10.52 -23.94
CA ASN B 25 12.46 11.97 -24.05
C ASN B 25 11.16 12.55 -23.48
N PHE B 26 11.02 12.39 -22.16
CA PHE B 26 9.93 13.04 -21.42
C PHE B 26 10.44 14.06 -20.42
N TYR B 27 11.75 14.19 -20.22
CA TYR B 27 12.24 15.18 -19.28
C TYR B 27 11.94 16.58 -19.80
N VAL B 28 11.31 17.40 -18.95
CA VAL B 28 11.08 18.80 -19.25
C VAL B 28 11.76 19.61 -18.16
N GLU B 29 12.59 20.56 -18.58
CA GLU B 29 13.26 21.44 -17.63
C GLU B 29 12.26 22.36 -16.94
N HIS B 30 12.23 22.29 -15.62
CA HIS B 30 11.56 23.29 -14.79
C HIS B 30 11.98 24.70 -15.19
N PRO B 31 11.06 25.67 -15.07
CA PRO B 31 11.40 27.06 -15.41
C PRO B 31 12.50 27.65 -14.58
N GLU B 32 12.61 27.32 -13.29
CA GLU B 32 13.75 27.82 -12.53
C GLU B 32 15.06 27.29 -13.09
N VAL B 33 15.03 26.11 -13.71
CA VAL B 33 16.23 25.51 -14.31
C VAL B 33 16.42 25.99 -15.74
N ALA B 34 15.32 26.13 -16.49
CA ALA B 34 15.41 26.65 -17.85
C ALA B 34 16.01 28.05 -17.88
N ARG B 35 15.77 28.82 -16.83
CA ARG B 35 16.19 30.21 -16.74
C ARG B 35 17.68 30.35 -16.42
N LEU B 36 18.35 29.28 -15.99
CA LEU B 36 19.74 29.42 -15.55
C LEU B 36 20.64 29.78 -16.72
N THR B 37 21.46 30.79 -16.53
CA THR B 37 22.45 31.14 -17.54
C THR B 37 23.64 30.19 -17.46
N PRO B 38 24.43 30.08 -18.53
CA PRO B 38 25.60 29.18 -18.47
C PRO B 38 26.53 29.49 -17.30
N TYR B 39 26.71 30.77 -16.98
CA TYR B 39 27.54 31.13 -15.84
C TYR B 39 26.96 30.57 -14.55
N GLU B 40 25.63 30.63 -14.39
CA GLU B 40 24.99 30.08 -13.19
C GLU B 40 25.12 28.57 -13.13
N VAL B 41 25.07 27.88 -14.28
CA VAL B 41 25.27 26.44 -14.30
C VAL B 41 26.69 26.10 -13.85
N ASP B 42 27.69 26.79 -14.42
CA ASP B 42 29.07 26.53 -14.02
C ASP B 42 29.28 26.82 -12.54
N GLU B 43 28.64 27.88 -12.02
CA GLU B 43 28.76 28.21 -10.60
C GLU B 43 28.15 27.13 -9.73
N LEU B 44 27.02 26.58 -10.16
CA LEU B 44 26.39 25.51 -9.42
C LEU B 44 27.28 24.26 -9.42
N ARG B 45 27.70 23.80 -10.60
CA ARG B 45 28.62 22.66 -10.67
C ARG B 45 29.87 22.88 -9.83
N ARG B 46 30.43 24.09 -9.84
CA ARG B 46 31.67 24.34 -9.09
C ARG B 46 31.43 24.29 -7.59
N LYS B 47 30.36 24.93 -7.12
CA LYS B 47 30.06 24.87 -5.69
C LYS B 47 29.78 23.45 -5.24
N LYS B 48 29.15 22.65 -6.09
CA LYS B 48 28.79 21.30 -5.69
C LYS B 48 29.87 20.27 -6.05
N GLU B 49 30.98 20.71 -6.65
CA GLU B 49 32.09 19.84 -7.04
C GLU B 49 31.64 18.78 -8.04
N ILE B 50 30.86 19.20 -9.04
CA ILE B 50 30.32 18.33 -10.07
C ILE B 50 31.12 18.51 -11.35
N THR B 51 31.62 17.41 -11.90
CA THR B 51 32.39 17.41 -13.13
C THR B 51 31.68 16.56 -14.17
N VAL B 52 31.47 17.11 -15.35
CA VAL B 52 30.93 16.36 -16.49
C VAL B 52 32.10 16.06 -17.41
N ARG B 53 32.32 14.78 -17.69
CA ARG B 53 33.44 14.40 -18.55
C ARG B 53 33.36 15.15 -19.88
N GLY B 54 34.45 15.85 -20.20
CA GLY B 54 34.42 16.81 -21.29
C GLY B 54 34.07 16.15 -22.62
N GLY B 55 33.29 16.87 -23.43
CA GLY B 55 32.78 16.32 -24.66
C GLY B 55 31.46 15.58 -24.53
N ASP B 56 30.97 15.35 -23.31
CA ASP B 56 29.73 14.62 -23.10
C ASP B 56 28.54 15.54 -23.14
N VAL B 57 27.43 15.04 -23.67
CA VAL B 57 26.15 15.73 -23.63
C VAL B 57 25.54 15.55 -22.23
N CYS B 58 25.14 16.66 -21.60
CA CYS B 58 24.61 16.56 -20.27
C CYS B 58 23.68 17.73 -19.97
N PRO B 59 22.46 17.47 -19.48
CA PRO B 59 21.54 18.57 -19.19
C PRO B 59 22.05 19.39 -18.01
N LYS B 60 21.39 20.52 -17.81
CA LYS B 60 21.67 21.32 -16.63
C LYS B 60 21.43 20.50 -15.37
N PRO B 61 22.19 20.75 -14.32
CA PRO B 61 21.84 20.19 -13.02
C PRO B 61 20.61 20.91 -12.51
N VAL B 62 19.84 20.22 -11.66
CA VAL B 62 18.76 20.88 -10.92
C VAL B 62 19.35 21.33 -9.59
N PHE B 63 18.54 22.04 -8.77
CA PHE B 63 19.01 22.42 -7.44
C PHE B 63 17.90 22.37 -6.40
N ALA B 64 16.73 21.83 -6.75
CA ALA B 64 15.67 21.61 -5.77
C ALA B 64 14.91 20.37 -6.21
N PHE B 65 14.26 19.72 -5.23
CA PHE B 65 13.54 18.47 -5.50
C PHE B 65 12.42 18.68 -6.51
N HIS B 66 11.66 19.77 -6.36
CA HIS B 66 10.51 20.03 -7.22
C HIS B 66 10.89 20.27 -8.66
N HIS B 67 12.18 20.44 -8.95
CA HIS B 67 12.65 20.60 -10.33
C HIS B 67 12.55 19.30 -11.12
N ALA B 68 12.45 18.15 -10.46
CA ALA B 68 12.49 16.90 -11.22
C ALA B 68 11.12 16.42 -11.66
N ASN B 69 10.04 17.12 -11.30
CA ASN B 69 8.68 16.70 -11.61
C ASN B 69 8.44 15.26 -11.14
N PHE B 70 8.96 14.94 -9.96
CA PHE B 70 8.57 13.72 -9.30
C PHE B 70 7.06 13.77 -9.02
N PRO B 71 6.37 12.64 -9.05
CA PRO B 71 4.97 12.65 -8.61
C PRO B 71 4.86 13.06 -7.16
N GLN B 72 3.67 13.52 -6.80
CA GLN B 72 3.47 14.13 -5.50
C GLN B 72 3.73 13.15 -4.36
N TYR B 73 3.35 11.86 -4.53
CA TYR B 73 3.58 10.90 -3.45
C TYR B 73 5.07 10.78 -3.10
N VAL B 74 5.93 10.91 -4.12
CA VAL B 74 7.38 10.90 -3.90
C VAL B 74 7.82 12.13 -3.10
N MET B 75 7.34 13.33 -3.48
CA MET B 75 7.62 14.53 -2.70
C MET B 75 7.11 14.36 -1.26
N ASP B 76 5.94 13.72 -1.08
CA ASP B 76 5.42 13.50 0.27
C ASP B 76 6.39 12.65 1.08
N VAL B 77 6.99 11.63 0.45
CA VAL B 77 7.97 10.83 1.19
C VAL B 77 9.22 11.66 1.50
N LEU B 78 9.73 12.43 0.52
CA LEU B 78 10.92 13.26 0.78
C LEU B 78 10.66 14.22 1.94
N MET B 79 9.45 14.80 2.00
CA MET B 79 9.10 15.68 3.10
C MET B 79 9.00 14.90 4.40
N ASP B 80 8.46 13.67 4.36
CA ASP B 80 8.45 12.82 5.56
C ASP B 80 9.88 12.58 6.07
N GLN B 81 10.82 12.34 5.15
CA GLN B 81 12.22 12.21 5.52
C GLN B 81 12.84 13.53 5.95
N HIS B 82 12.12 14.64 5.73
CA HIS B 82 12.63 16.01 5.86
C HIS B 82 13.98 16.20 5.17
N PHE B 83 14.04 15.75 3.91
CA PHE B 83 15.15 16.03 3.03
C PHE B 83 14.88 17.38 2.37
N THR B 84 15.76 18.36 2.60
CA THR B 84 15.48 19.73 2.18
C THR B 84 16.06 20.07 0.82
N GLU B 85 17.13 19.39 0.41
CA GLU B 85 17.83 19.74 -0.79
C GLU B 85 18.40 18.48 -1.40
N PRO B 86 18.46 18.38 -2.72
CA PRO B 86 19.16 17.25 -3.32
C PRO B 86 20.68 17.34 -3.14
N THR B 87 21.31 16.18 -2.97
CA THR B 87 22.74 16.09 -2.85
C THR B 87 23.39 16.45 -4.19
N PRO B 88 24.69 16.73 -4.21
CA PRO B 88 25.37 16.99 -5.50
C PRO B 88 25.11 15.94 -6.55
N ILE B 89 25.26 14.66 -6.18
CA ILE B 89 25.05 13.60 -7.16
C ILE B 89 23.58 13.54 -7.57
N GLN B 90 22.65 13.90 -6.69
CA GLN B 90 21.25 13.97 -7.12
C GLN B 90 21.00 15.17 -8.04
N CYS B 91 21.56 16.35 -7.70
CA CYS B 91 21.40 17.51 -8.56
C CYS B 91 21.87 17.24 -9.98
N GLN B 92 22.99 16.52 -10.17
CA GLN B 92 23.33 16.27 -11.59
C GLN B 92 22.81 14.93 -12.08
N GLY B 93 22.57 13.96 -11.19
CA GLY B 93 22.15 12.63 -11.63
C GLY B 93 20.69 12.58 -12.02
N PHE B 94 19.79 13.27 -11.25
CA PHE B 94 18.36 13.29 -11.53
C PHE B 94 18.12 13.68 -12.98
N PRO B 95 18.53 14.88 -13.44
CA PRO B 95 18.20 15.24 -14.83
C PRO B 95 18.88 14.32 -15.83
N LEU B 96 20.12 13.91 -15.56
CA LEU B 96 20.84 13.06 -16.51
C LEU B 96 20.11 11.75 -16.70
N ALA B 97 19.76 11.08 -15.59
CA ALA B 97 18.91 9.90 -15.64
C ALA B 97 17.60 10.19 -16.36
N LEU B 98 16.91 11.27 -15.96
CA LEU B 98 15.59 11.56 -16.49
C LEU B 98 15.63 11.80 -17.99
N SER B 99 16.76 12.27 -18.51
CA SER B 99 16.94 12.55 -19.93
C SER B 99 17.06 11.28 -20.77
N GLY B 100 17.29 10.13 -20.15
CA GLY B 100 17.34 8.87 -20.85
C GLY B 100 18.70 8.43 -21.31
N ARG B 101 19.76 9.18 -20.99
CA ARG B 101 21.11 8.87 -21.45
C ARG B 101 21.73 7.77 -20.60
N ASP B 102 22.56 6.93 -21.24
CA ASP B 102 23.37 6.02 -20.45
C ASP B 102 24.33 6.82 -19.60
N MET B 103 24.69 6.29 -18.43
CA MET B 103 25.47 7.17 -17.56
C MET B 103 26.24 6.38 -16.53
N VAL B 104 27.38 6.96 -16.14
CA VAL B 104 28.20 6.53 -15.02
C VAL B 104 28.22 7.68 -14.03
N GLY B 105 27.94 7.39 -12.76
CA GLY B 105 27.94 8.42 -11.72
C GLY B 105 28.78 8.06 -10.51
N ILE B 106 29.80 8.86 -10.23
CA ILE B 106 30.76 8.58 -9.16
C ILE B 106 30.62 9.63 -8.07
N ALA B 107 30.42 9.19 -6.83
CA ALA B 107 30.28 10.13 -5.73
C ALA B 107 30.51 9.41 -4.42
N GLN B 108 30.96 10.19 -3.44
CA GLN B 108 31.41 9.66 -2.17
C GLN B 108 30.31 8.85 -1.48
N THR B 109 30.75 7.95 -0.61
CA THR B 109 29.83 7.12 0.15
C THR B 109 28.88 7.99 0.97
N GLY B 110 27.64 7.50 1.12
CA GLY B 110 26.64 8.15 1.94
C GLY B 110 26.01 9.41 1.35
N SER B 111 26.21 9.65 0.05
CA SER B 111 25.84 10.94 -0.53
C SER B 111 24.59 10.82 -1.41
N GLY B 112 23.84 9.71 -1.29
CA GLY B 112 22.53 9.66 -1.85
C GLY B 112 22.41 9.07 -3.24
N LYS B 113 23.31 8.15 -3.62
CA LYS B 113 23.24 7.61 -4.99
C LYS B 113 21.98 6.78 -5.20
N THR B 114 21.48 6.17 -4.12
CA THR B 114 20.31 5.30 -4.25
C THR B 114 19.10 6.08 -4.80
N LEU B 115 18.72 7.18 -4.15
CA LEU B 115 17.58 7.96 -4.68
C LEU B 115 17.90 8.55 -6.05
N ALA B 116 19.18 8.89 -6.28
CA ALA B 116 19.59 9.43 -7.58
C ALA B 116 19.23 8.47 -8.70
N TYR B 117 19.24 7.16 -8.44
CA TYR B 117 18.77 6.33 -9.53
C TYR B 117 17.34 5.83 -9.36
N LEU B 118 16.85 5.67 -8.14
CA LEU B 118 15.52 5.08 -7.98
C LEU B 118 14.39 6.05 -8.35
N LEU B 119 14.55 7.35 -8.08
CA LEU B 119 13.42 8.26 -8.32
C LEU B 119 13.22 8.54 -9.81
N PRO B 120 14.29 8.76 -10.59
CA PRO B 120 14.09 8.73 -12.06
C PRO B 120 13.59 7.38 -12.56
N ALA B 121 13.96 6.26 -11.92
CA ALA B 121 13.34 4.98 -12.28
C ALA B 121 11.81 5.05 -12.20
N ILE B 122 11.30 5.62 -11.10
CA ILE B 122 9.86 5.80 -10.92
C ILE B 122 9.28 6.66 -12.05
N VAL B 123 9.88 7.83 -12.32
CA VAL B 123 9.35 8.68 -13.40
C VAL B 123 9.34 7.92 -14.73
N HIS B 124 10.48 7.32 -15.06
CA HIS B 124 10.63 6.51 -16.27
C HIS B 124 9.50 5.48 -16.39
N ILE B 125 9.22 4.75 -15.31
CA ILE B 125 8.16 3.74 -15.35
C ILE B 125 6.82 4.39 -15.60
N ASN B 126 6.59 5.55 -14.97
CA ASN B 126 5.32 6.22 -15.08
C ASN B 126 5.04 6.65 -16.50
N HIS B 127 6.08 6.85 -17.30
CA HIS B 127 5.84 7.24 -18.67
C HIS B 127 5.76 6.08 -19.65
N GLN B 128 5.73 4.83 -19.16
CA GLN B 128 5.63 3.65 -19.99
C GLN B 128 4.25 3.05 -19.93
N PRO B 129 3.86 2.25 -20.92
CA PRO B 129 2.63 1.47 -20.80
C PRO B 129 2.62 0.67 -19.50
N TYR B 130 1.43 0.57 -18.89
CA TYR B 130 1.25 -0.22 -17.68
C TYR B 130 1.65 -1.66 -17.90
N LEU B 131 2.09 -2.30 -16.83
CA LEU B 131 2.32 -3.73 -16.84
C LEU B 131 1.05 -4.48 -17.24
N GLU B 132 1.18 -5.41 -18.16
CA GLU B 132 0.17 -6.40 -18.43
C GLU B 132 0.51 -7.69 -17.70
N ARG B 133 -0.49 -8.56 -17.55
CA ARG B 133 -0.28 -9.83 -16.90
C ARG B 133 0.78 -10.63 -17.65
N GLY B 134 1.77 -11.12 -16.92
CA GLY B 134 2.90 -11.83 -17.48
C GLY B 134 4.13 -10.99 -17.75
N ASP B 135 4.01 -9.66 -17.70
CA ASP B 135 5.14 -8.77 -17.98
C ASP B 135 6.20 -8.85 -16.88
N GLY B 136 7.46 -8.72 -17.28
CA GLY B 136 8.56 -8.63 -16.36
C GLY B 136 8.80 -7.20 -15.94
N PRO B 137 9.87 -6.94 -15.17
CA PRO B 137 10.09 -5.60 -14.64
C PRO B 137 10.56 -4.62 -15.69
N ILE B 138 10.19 -3.35 -15.48
CA ILE B 138 10.63 -2.28 -16.38
C ILE B 138 11.99 -1.76 -15.93
N CYS B 139 12.20 -1.71 -14.63
CA CYS B 139 13.48 -1.31 -14.06
C CYS B 139 14.08 -2.49 -13.33
N LEU B 140 15.35 -2.77 -13.62
CA LEU B 140 16.14 -3.78 -12.92
C LEU B 140 17.32 -3.11 -12.28
N VAL B 141 17.57 -3.39 -11.01
CA VAL B 141 18.73 -2.92 -10.28
C VAL B 141 19.54 -4.14 -9.84
N LEU B 142 20.83 -4.11 -10.08
CA LEU B 142 21.72 -5.22 -9.74
C LEU B 142 22.68 -4.77 -8.64
N ALA B 143 22.82 -5.57 -7.59
CA ALA B 143 23.63 -5.28 -6.41
C ALA B 143 24.49 -6.47 -6.02
N PRO B 144 25.67 -6.23 -5.42
CA PRO B 144 26.59 -7.32 -5.10
C PRO B 144 26.22 -8.21 -3.93
N THR B 145 25.43 -7.75 -2.94
CA THR B 145 25.14 -8.59 -1.78
C THR B 145 23.64 -8.61 -1.51
N ARG B 146 23.21 -9.69 -0.84
CA ARG B 146 21.80 -9.84 -0.53
C ARG B 146 21.28 -8.74 0.40
N GLU B 147 22.05 -8.37 1.42
CA GLU B 147 21.57 -7.32 2.31
C GLU B 147 21.47 -6.00 1.57
N LEU B 148 22.38 -5.73 0.65
CA LEU B 148 22.29 -4.48 -0.09
C LEU B 148 21.07 -4.48 -0.99
N ALA B 149 20.78 -5.60 -1.66
CA ALA B 149 19.57 -5.64 -2.48
C ALA B 149 18.31 -5.48 -1.65
N GLN B 150 18.25 -6.10 -0.48
CA GLN B 150 17.05 -5.93 0.34
C GLN B 150 16.91 -4.48 0.78
N GLN B 151 18.04 -3.83 1.10
CA GLN B 151 17.99 -2.43 1.52
C GLN B 151 17.47 -1.53 0.40
N VAL B 152 18.01 -1.67 -0.82
CA VAL B 152 17.52 -0.90 -1.97
C VAL B 152 16.03 -1.18 -2.19
N GLN B 153 15.62 -2.44 -2.07
CA GLN B 153 14.20 -2.74 -2.23
C GLN B 153 13.35 -2.01 -1.19
N GLN B 154 13.84 -1.91 0.05
CA GLN B 154 13.07 -1.21 1.08
C GLN B 154 12.93 0.28 0.79
N VAL B 155 13.99 0.92 0.25
CA VAL B 155 13.86 2.31 -0.20
C VAL B 155 12.78 2.43 -1.26
N ALA B 156 12.85 1.57 -2.28
CA ALA B 156 11.87 1.64 -3.35
C ALA B 156 10.47 1.40 -2.82
N ASP B 157 10.34 0.59 -1.77
CA ASP B 157 9.02 0.37 -1.19
C ASP B 157 8.52 1.61 -0.46
N ASP B 158 9.42 2.34 0.23
CA ASP B 158 8.96 3.55 0.90
C ASP B 158 8.43 4.58 -0.08
N TYR B 159 8.99 4.63 -1.28
CA TYR B 159 8.64 5.67 -2.23
C TYR B 159 7.52 5.26 -3.17
N GLY B 160 6.99 4.05 -3.04
CA GLY B 160 6.00 3.60 -3.99
C GLY B 160 4.70 3.11 -3.40
N LYS B 161 4.55 3.16 -2.07
CA LYS B 161 3.38 2.58 -1.42
C LYS B 161 2.08 3.23 -1.88
N CYS B 162 2.08 4.53 -2.16
CA CYS B 162 0.87 5.26 -2.55
C CYS B 162 0.64 5.25 -4.05
N SER B 163 1.36 4.44 -4.79
CA SER B 163 1.17 4.42 -6.23
C SER B 163 0.85 2.99 -6.63
N ARG B 164 0.74 2.79 -7.94
CA ARG B 164 0.44 1.48 -8.49
C ARG B 164 1.67 0.63 -8.68
N LEU B 165 2.85 1.18 -8.44
CA LEU B 165 4.09 0.45 -8.65
C LEU B 165 4.33 -0.55 -7.54
N LYS B 166 4.72 -1.74 -7.92
CA LYS B 166 5.22 -2.75 -7.00
C LYS B 166 6.70 -3.01 -7.26
N SER B 167 7.43 -3.34 -6.21
CA SER B 167 8.81 -3.76 -6.36
C SER B 167 8.97 -5.10 -5.65
N THR B 168 10.07 -5.78 -5.99
CA THR B 168 10.46 -6.94 -5.18
C THR B 168 11.96 -7.11 -5.24
N CYS B 169 12.42 -7.99 -4.36
CA CYS B 169 13.83 -8.27 -4.17
C CYS B 169 14.05 -9.75 -4.47
N ILE B 170 14.89 -10.01 -5.45
CA ILE B 170 15.23 -11.36 -5.89
C ILE B 170 16.67 -11.59 -5.47
N TYR B 171 16.89 -12.58 -4.62
CA TYR B 171 18.19 -12.84 -4.01
C TYR B 171 18.19 -14.23 -3.41
N GLY B 172 19.42 -14.77 -3.22
CA GLY B 172 19.58 -16.13 -2.77
C GLY B 172 19.41 -16.31 -1.25
N GLY B 173 19.42 -17.58 -0.84
CA GLY B 173 19.28 -17.96 0.53
C GLY B 173 17.87 -17.88 1.09
N ALA B 174 16.96 -17.17 0.42
CA ALA B 174 15.58 -17.03 0.85
C ALA B 174 14.68 -17.97 0.08
N PRO B 175 13.53 -18.35 0.66
CA PRO B 175 12.58 -19.22 -0.04
C PRO B 175 12.20 -18.68 -1.42
N LYS B 176 12.08 -19.58 -2.39
CA LYS B 176 11.74 -19.12 -3.73
C LYS B 176 10.28 -18.68 -3.84
N GLY B 177 9.39 -19.32 -3.07
CA GLY B 177 7.96 -19.17 -3.22
C GLY B 177 7.44 -17.74 -3.29
N PRO B 178 7.61 -16.97 -2.20
CA PRO B 178 7.16 -15.56 -2.23
C PRO B 178 7.80 -14.72 -3.33
N GLN B 179 9.09 -14.94 -3.64
CA GLN B 179 9.72 -14.19 -4.72
C GLN B 179 9.05 -14.51 -6.05
N ILE B 180 8.82 -15.79 -6.33
CA ILE B 180 8.13 -16.22 -7.54
C ILE B 180 6.72 -15.63 -7.58
N ARG B 181 6.07 -15.54 -6.42
CA ARG B 181 4.72 -15.00 -6.39
C ARG B 181 4.70 -13.51 -6.73
N ASP B 182 5.67 -12.75 -6.19
CA ASP B 182 5.85 -11.36 -6.58
C ASP B 182 6.05 -11.24 -8.09
N LEU B 183 7.02 -11.99 -8.61
CA LEU B 183 7.31 -11.96 -10.05
C LEU B 183 6.07 -12.28 -10.89
N GLU B 184 5.30 -13.29 -10.49
CA GLU B 184 4.13 -13.69 -11.27
C GLU B 184 3.05 -12.62 -11.24
N ARG B 185 2.78 -12.05 -10.06
CA ARG B 185 1.71 -11.06 -10.01
C ARG B 185 2.15 -9.73 -10.57
N GLY B 186 3.45 -9.51 -10.76
CA GLY B 186 3.91 -8.39 -11.56
C GLY B 186 4.54 -7.25 -10.79
N VAL B 187 5.83 -6.99 -11.04
CA VAL B 187 6.52 -5.85 -10.47
C VAL B 187 7.09 -4.99 -11.59
N GLU B 188 6.99 -3.68 -11.40
CA GLU B 188 7.68 -2.76 -12.29
C GLU B 188 9.16 -2.60 -11.90
N ILE B 189 9.49 -2.74 -10.62
CA ILE B 189 10.84 -2.55 -10.10
C ILE B 189 11.32 -3.86 -9.49
N CYS B 190 12.48 -4.33 -9.96
CA CYS B 190 13.08 -5.55 -9.46
C CYS B 190 14.50 -5.22 -9.02
N ILE B 191 14.82 -5.51 -7.75
CA ILE B 191 16.17 -5.40 -7.22
C ILE B 191 16.69 -6.80 -7.02
N ALA B 192 17.91 -7.07 -7.46
CA ALA B 192 18.34 -8.46 -7.51
C ALA B 192 19.81 -8.59 -7.21
N THR B 193 20.17 -9.74 -6.61
CA THR B 193 21.53 -10.23 -6.80
C THR B 193 21.56 -11.17 -8.01
N PRO B 194 22.72 -11.39 -8.64
CA PRO B 194 22.68 -12.01 -9.98
C PRO B 194 22.33 -13.50 -9.96
N GLY B 195 22.89 -14.29 -9.05
CA GLY B 195 22.61 -15.72 -9.02
C GLY B 195 21.14 -16.12 -9.05
N ARG B 196 20.34 -15.65 -8.08
CA ARG B 196 18.95 -16.07 -8.05
C ARG B 196 18.19 -15.53 -9.27
N LEU B 197 18.56 -14.36 -9.79
CA LEU B 197 17.88 -13.86 -10.98
C LEU B 197 18.17 -14.73 -12.19
N ILE B 198 19.41 -15.16 -12.36
CA ILE B 198 19.78 -16.05 -13.45
C ILE B 198 19.01 -17.35 -13.35
N ASP B 199 18.92 -17.91 -12.15
CA ASP B 199 18.10 -19.08 -11.89
C ASP B 199 16.65 -18.87 -12.37
N PHE B 200 16.00 -17.80 -11.89
CA PHE B 200 14.61 -17.54 -12.27
C PHE B 200 14.46 -17.31 -13.76
N LEU B 201 15.38 -16.60 -14.40
CA LEU B 201 15.29 -16.37 -15.83
C LEU B 201 15.35 -17.69 -16.60
N GLU B 202 16.34 -18.53 -16.28
CA GLU B 202 16.53 -19.79 -17.00
C GLU B 202 15.28 -20.65 -16.96
N SER B 203 14.61 -20.72 -15.82
CA SER B 203 13.40 -21.51 -15.71
C SER B 203 12.14 -20.70 -16.03
N GLY B 204 12.29 -19.49 -16.56
CA GLY B 204 11.17 -18.69 -17.02
C GLY B 204 10.24 -18.16 -15.95
N LYS B 205 10.74 -17.95 -14.74
CA LYS B 205 9.86 -17.43 -13.69
C LYS B 205 9.58 -15.95 -13.87
N THR B 206 10.51 -15.21 -14.48
CA THR B 206 10.27 -13.87 -14.98
C THR B 206 11.00 -13.73 -16.30
N ASN B 207 11.00 -12.52 -16.85
CA ASN B 207 11.74 -12.21 -18.08
C ASN B 207 12.05 -10.72 -18.13
N LEU B 208 12.91 -10.35 -19.08
CA LEU B 208 13.48 -9.00 -19.16
C LEU B 208 13.06 -8.27 -20.43
N ARG B 209 11.93 -8.67 -21.02
CA ARG B 209 11.52 -8.13 -22.31
C ARG B 209 11.00 -6.72 -22.22
N ARG B 210 10.57 -6.28 -21.03
CA ARG B 210 10.15 -4.90 -20.83
C ARG B 210 11.20 -4.09 -20.11
N CYS B 211 12.38 -4.66 -19.83
CA CYS B 211 13.36 -3.92 -19.04
C CYS B 211 14.00 -2.85 -19.91
N THR B 212 13.63 -1.61 -19.66
CA THR B 212 14.20 -0.50 -20.39
C THR B 212 15.14 0.33 -19.54
N TYR B 213 15.24 0.02 -18.25
CA TYR B 213 15.99 0.83 -17.29
C TYR B 213 16.80 -0.11 -16.41
N LEU B 214 18.11 -0.17 -16.63
CA LEU B 214 19.01 -1.10 -15.97
C LEU B 214 20.00 -0.32 -15.13
N VAL B 215 20.04 -0.58 -13.83
CA VAL B 215 20.95 0.06 -12.89
C VAL B 215 21.93 -1.00 -12.40
N LEU B 216 23.23 -0.67 -12.45
CA LEU B 216 24.27 -1.42 -11.75
C LEU B 216 24.75 -0.56 -10.57
N ASP B 217 24.30 -0.94 -9.39
CA ASP B 217 24.83 -0.28 -8.20
C ASP B 217 26.15 -0.96 -7.82
N GLU B 218 27.01 -0.22 -7.13
CA GLU B 218 28.37 -0.66 -6.85
C GLU B 218 29.00 -1.22 -8.13
N ALA B 219 28.90 -0.41 -9.19
CA ALA B 219 29.14 -0.92 -10.55
C ALA B 219 30.54 -1.54 -10.72
N ASP B 220 31.59 -0.92 -10.18
CA ASP B 220 32.91 -1.49 -10.37
C ASP B 220 33.03 -2.85 -9.71
N ARG B 221 32.30 -3.07 -8.62
CA ARG B 221 32.26 -4.41 -8.01
C ARG B 221 31.61 -5.43 -8.94
N MET B 222 30.52 -5.06 -9.60
CA MET B 222 29.76 -5.96 -10.46
C MET B 222 30.47 -6.23 -11.78
N LEU B 223 31.51 -5.47 -12.08
CA LEU B 223 32.36 -5.68 -13.25
C LEU B 223 33.65 -6.39 -12.89
N ASP B 224 33.81 -6.81 -11.63
CA ASP B 224 34.99 -7.56 -11.29
C ASP B 224 34.90 -8.98 -11.89
N MET B 225 36.03 -9.68 -11.89
CA MET B 225 36.15 -10.92 -12.65
C MET B 225 35.12 -11.98 -12.24
N GLY B 226 34.69 -12.00 -10.98
CA GLY B 226 33.68 -12.97 -10.58
C GLY B 226 32.26 -12.59 -10.95
N PHE B 227 31.94 -11.31 -10.97
CA PHE B 227 30.58 -10.84 -11.27
C PHE B 227 30.33 -10.57 -12.74
N GLU B 228 31.35 -10.14 -13.48
CA GLU B 228 31.19 -9.79 -14.89
C GLU B 228 30.50 -10.86 -15.72
N PRO B 229 30.84 -12.16 -15.64
CA PRO B 229 30.09 -13.15 -16.44
C PRO B 229 28.62 -13.25 -16.06
N GLN B 230 28.31 -13.14 -14.77
CA GLN B 230 26.92 -13.15 -14.35
C GLN B 230 26.18 -11.92 -14.86
N ILE B 231 26.82 -10.76 -14.75
CA ILE B 231 26.26 -9.55 -15.34
C ILE B 231 26.00 -9.76 -16.82
N ARG B 232 26.98 -10.30 -17.55
CA ARG B 232 26.86 -10.49 -19.00
C ARG B 232 25.71 -11.41 -19.35
N LYS B 233 25.54 -12.52 -18.63
CA LYS B 233 24.43 -13.41 -18.94
C LYS B 233 23.10 -12.72 -18.71
N ILE B 234 22.98 -11.93 -17.63
CA ILE B 234 21.73 -11.22 -17.42
C ILE B 234 21.49 -10.19 -18.51
N VAL B 235 22.52 -9.38 -18.81
CA VAL B 235 22.35 -8.22 -19.69
C VAL B 235 22.11 -8.66 -21.13
N ASP B 236 22.62 -9.84 -21.49
CA ASP B 236 22.34 -10.39 -22.81
C ASP B 236 20.85 -10.63 -23.02
N GLN B 237 20.05 -10.67 -21.97
CA GLN B 237 18.63 -10.92 -22.13
C GLN B 237 17.80 -9.64 -22.02
N ILE B 238 18.44 -8.48 -22.01
CA ILE B 238 17.77 -7.18 -22.00
C ILE B 238 17.96 -6.53 -23.36
N ARG B 239 16.91 -5.86 -23.84
CA ARG B 239 16.97 -5.26 -25.17
C ARG B 239 18.14 -4.29 -25.27
N PRO B 240 18.80 -4.19 -26.42
CA PRO B 240 19.98 -3.33 -26.54
C PRO B 240 19.68 -1.84 -26.49
N ASP B 241 18.43 -1.41 -26.69
CA ASP B 241 18.10 0.01 -26.62
C ASP B 241 17.77 0.47 -25.19
N ARG B 242 17.94 -0.40 -24.20
CA ARG B 242 17.74 -0.05 -22.80
C ARG B 242 18.62 1.13 -22.41
N GLN B 243 18.22 1.81 -21.34
CA GLN B 243 19.08 2.78 -20.70
C GLN B 243 19.85 2.07 -19.60
N THR B 244 21.12 2.36 -19.49
CA THR B 244 21.99 1.75 -18.50
C THR B 244 22.64 2.83 -17.64
N LEU B 245 22.59 2.63 -16.33
CA LEU B 245 23.09 3.59 -15.35
C LEU B 245 23.94 2.83 -14.34
N MET B 246 25.21 3.22 -14.22
CA MET B 246 26.15 2.64 -13.27
C MET B 246 26.48 3.66 -12.20
N TRP B 247 26.68 3.19 -10.96
CA TRP B 247 26.91 4.08 -9.82
C TRP B 247 27.96 3.52 -8.89
N SER B 248 28.82 4.41 -8.37
CA SER B 248 29.74 3.96 -7.33
C SER B 248 30.43 5.14 -6.66
N ALA B 249 31.02 4.88 -5.50
CA ALA B 249 31.96 5.83 -4.94
C ALA B 249 33.38 5.66 -5.48
N THR B 250 33.66 4.54 -6.14
CA THR B 250 35.00 4.28 -6.67
C THR B 250 34.89 3.85 -8.13
N TRP B 251 35.78 4.36 -8.96
CA TRP B 251 35.79 4.07 -10.40
C TRP B 251 37.23 3.89 -10.84
N PRO B 252 37.84 2.74 -10.54
CA PRO B 252 39.25 2.58 -10.88
C PRO B 252 39.44 2.35 -12.37
N LYS B 253 40.60 2.80 -12.85
CA LYS B 253 41.09 2.69 -14.23
C LYS B 253 40.71 1.37 -14.87
N GLU B 254 40.81 0.29 -14.10
CA GLU B 254 40.73 -1.06 -14.65
C GLU B 254 39.31 -1.49 -15.02
N VAL B 255 38.27 -0.78 -14.60
CA VAL B 255 36.92 -1.18 -14.97
C VAL B 255 36.36 -0.38 -16.13
N ARG B 256 37.01 0.71 -16.53
CA ARG B 256 36.39 1.69 -17.41
C ARG B 256 36.10 1.11 -18.80
N GLN B 257 37.15 0.59 -19.42
CA GLN B 257 37.02 -0.16 -20.68
C GLN B 257 35.87 -1.15 -20.64
N LEU B 258 35.90 -2.07 -19.68
CA LEU B 258 34.89 -3.12 -19.65
C LEU B 258 33.49 -2.55 -19.39
N ALA B 259 33.38 -1.47 -18.60
CA ALA B 259 32.10 -0.83 -18.42
C ALA B 259 31.52 -0.41 -19.76
N GLU B 260 32.39 0.04 -20.66
CA GLU B 260 31.92 0.44 -22.00
C GLU B 260 31.35 -0.72 -22.81
N ASP B 261 31.57 -1.97 -22.41
CA ASP B 261 30.88 -3.06 -23.10
C ASP B 261 29.37 -3.04 -22.87
N PHE B 262 28.91 -2.43 -21.79
CA PHE B 262 27.49 -2.44 -21.45
C PHE B 262 26.83 -1.08 -21.66
N LEU B 263 27.57 -0.09 -22.16
CA LEU B 263 27.07 1.27 -22.35
C LEU B 263 27.02 1.62 -23.83
N ARG B 264 26.06 2.50 -24.17
CA ARG B 264 26.01 3.11 -25.50
C ARG B 264 26.81 4.41 -25.46
N ASP B 265 26.30 5.48 -26.05
CA ASP B 265 26.92 6.80 -25.90
C ASP B 265 26.50 7.35 -24.55
N TYR B 266 27.38 7.22 -23.56
CA TYR B 266 27.04 7.51 -22.19
C TYR B 266 27.76 8.76 -21.70
N THR B 267 27.21 9.31 -20.62
CA THR B 267 27.79 10.46 -19.96
C THR B 267 28.24 10.03 -18.58
N GLN B 268 29.46 10.44 -18.21
CA GLN B 268 30.02 10.18 -16.91
C GLN B 268 30.09 11.48 -16.11
N ILE B 269 29.67 11.42 -14.86
CA ILE B 269 29.71 12.58 -13.99
C ILE B 269 30.38 12.17 -12.69
N ASN B 270 31.18 13.07 -12.15
CA ASN B 270 31.89 12.86 -10.89
C ASN B 270 31.53 13.95 -9.90
N VAL B 271 31.48 13.58 -8.63
CA VAL B 271 31.44 14.56 -7.56
C VAL B 271 32.73 14.44 -6.77
N GLY B 272 33.38 15.57 -6.54
CA GLY B 272 34.57 15.60 -5.72
C GLY B 272 35.80 15.22 -6.54
N ASN B 273 36.86 14.86 -5.82
CA ASN B 273 38.11 14.55 -6.49
C ASN B 273 37.92 13.46 -7.55
N LEU B 274 38.56 13.65 -8.69
CA LEU B 274 38.52 12.65 -9.75
C LEU B 274 39.45 11.46 -9.46
N GLU B 275 40.36 11.60 -8.52
CA GLU B 275 41.11 10.44 -8.05
C GLU B 275 40.37 9.75 -6.91
N LEU B 276 40.81 8.53 -6.59
CA LEU B 276 40.28 7.77 -5.46
C LEU B 276 40.23 8.63 -4.20
N SER B 277 39.06 8.69 -3.57
CA SER B 277 38.86 9.58 -2.44
C SER B 277 37.95 8.95 -1.40
N ALA B 278 38.26 9.19 -0.13
CA ALA B 278 37.35 8.89 0.96
C ALA B 278 36.42 10.07 1.25
N ASN B 279 35.30 9.76 1.90
CA ASN B 279 34.42 10.79 2.45
C ASN B 279 35.19 11.61 3.47
N HIS B 280 35.30 12.92 3.22
CA HIS B 280 36.10 13.80 4.07
C HIS B 280 35.51 14.01 5.46
N ASN B 281 34.29 13.55 5.72
CA ASN B 281 33.69 13.63 7.05
C ASN B 281 34.15 12.54 8.00
N ILE B 282 35.02 11.62 7.56
CA ILE B 282 35.50 10.51 8.39
C ILE B 282 36.85 10.89 8.98
N LEU B 283 36.96 10.91 10.31
CA LEU B 283 38.29 10.97 10.91
C LEU B 283 39.01 9.62 10.70
N GLN B 284 40.18 9.64 10.04
CA GLN B 284 40.89 8.40 9.69
C GLN B 284 42.10 8.25 10.61
N ILE B 285 42.16 7.13 11.32
CA ILE B 285 43.24 6.82 12.26
C ILE B 285 43.83 5.47 11.87
N VAL B 286 45.16 5.41 11.80
CA VAL B 286 45.88 4.20 11.41
C VAL B 286 46.88 3.86 12.51
N ASP B 287 46.71 2.68 13.10
CA ASP B 287 47.66 2.13 14.07
C ASP B 287 48.56 1.13 13.36
N VAL B 288 49.87 1.39 13.37
CA VAL B 288 50.86 0.41 12.91
C VAL B 288 51.17 -0.55 14.06
N CYS B 289 50.88 -1.82 13.87
CA CYS B 289 51.17 -2.82 14.90
C CYS B 289 51.53 -4.15 14.23
N MET B 290 51.88 -5.14 15.06
CA MET B 290 52.02 -6.51 14.62
C MET B 290 50.68 -7.26 14.63
N GLU B 291 50.60 -8.28 13.77
CA GLU B 291 49.43 -9.15 13.73
C GLU B 291 49.07 -9.62 15.12
N SER B 292 50.07 -10.09 15.84
CA SER B 292 49.89 -10.69 17.16
C SER B 292 49.28 -9.70 18.17
N GLU B 293 49.35 -8.39 17.91
CA GLU B 293 48.82 -7.38 18.83
C GLU B 293 47.35 -7.06 18.58
N LYS B 294 46.80 -7.42 17.42
CA LYS B 294 45.47 -6.96 17.03
C LYS B 294 44.43 -7.20 18.12
N ASP B 295 44.37 -8.44 18.63
CA ASP B 295 43.39 -8.77 19.66
C ASP B 295 43.46 -7.80 20.82
N HIS B 296 44.64 -7.65 21.42
CA HIS B 296 44.75 -6.77 22.57
C HIS B 296 44.35 -5.36 22.18
N LYS B 297 44.79 -4.92 21.00
CA LYS B 297 44.47 -3.58 20.56
C LYS B 297 42.99 -3.43 20.30
N LEU B 298 42.32 -4.49 19.87
CA LEU B 298 40.88 -4.39 19.68
C LEU B 298 40.20 -4.18 21.03
N ILE B 299 40.62 -4.96 22.04
CA ILE B 299 39.93 -4.89 23.31
C ILE B 299 40.05 -3.50 23.90
N GLN B 300 41.27 -2.97 23.93
CA GLN B 300 41.45 -1.63 24.47
C GLN B 300 40.67 -0.62 23.65
N LEU B 301 40.69 -0.75 22.31
CA LEU B 301 39.93 0.19 21.49
C LEU B 301 38.44 0.12 21.84
N MET B 302 37.90 -1.10 22.00
CA MET B 302 36.48 -1.21 22.30
C MET B 302 36.18 -0.62 23.67
N GLU B 303 37.10 -0.78 24.63
CA GLU B 303 36.82 -0.22 25.94
C GLU B 303 36.73 1.29 25.88
N GLU B 304 37.49 1.92 24.97
CA GLU B 304 37.30 3.34 24.76
C GLU B 304 35.96 3.61 24.11
N ILE B 305 35.70 2.92 22.99
CA ILE B 305 34.50 3.20 22.19
C ILE B 305 33.25 3.01 23.02
N MET B 306 33.22 1.98 23.84
CA MET B 306 32.04 1.61 24.61
C MET B 306 31.88 2.42 25.90
N ALA B 307 32.79 3.35 26.20
CA ALA B 307 32.55 4.25 27.31
C ALA B 307 31.59 5.38 26.92
N GLU B 308 31.16 5.42 25.66
CA GLU B 308 30.37 6.51 25.13
C GLU B 308 28.94 6.08 24.85
N LYS B 309 28.03 7.05 24.94
CA LYS B 309 26.62 6.81 24.64
C LYS B 309 26.44 6.30 23.23
N GLU B 310 27.10 6.93 22.26
CA GLU B 310 26.97 6.58 20.85
C GLU B 310 28.17 5.73 20.44
N ASN B 311 27.93 4.44 20.25
CA ASN B 311 29.05 3.52 20.15
C ASN B 311 28.86 2.44 19.08
N LYS B 312 27.92 2.62 18.15
CA LYS B 312 27.69 1.57 17.16
C LYS B 312 28.92 1.41 16.26
N THR B 313 29.47 0.21 16.24
CA THR B 313 30.74 -0.09 15.60
C THR B 313 30.61 -1.30 14.68
N ILE B 314 31.20 -1.18 13.49
CA ILE B 314 31.43 -2.33 12.62
C ILE B 314 32.93 -2.59 12.56
N ILE B 315 33.31 -3.86 12.68
CA ILE B 315 34.68 -4.36 12.63
C ILE B 315 34.79 -5.24 11.40
N PHE B 316 35.72 -4.93 10.50
CA PHE B 316 35.95 -5.75 9.31
C PHE B 316 37.19 -6.64 9.47
N VAL B 317 37.06 -7.90 9.02
CA VAL B 317 38.14 -8.88 8.99
C VAL B 317 38.21 -9.48 7.59
N GLU B 318 39.28 -10.23 7.30
CA GLU B 318 39.52 -10.64 5.91
C GLU B 318 38.82 -11.94 5.52
N THR B 319 38.55 -12.84 6.46
CA THR B 319 38.02 -14.16 6.10
C THR B 319 36.83 -14.53 6.98
N LYS B 320 36.03 -15.46 6.45
CA LYS B 320 34.90 -15.99 7.22
C LYS B 320 35.37 -16.64 8.51
N ARG B 321 36.48 -17.38 8.45
CA ARG B 321 36.96 -18.09 9.63
C ARG B 321 37.46 -17.12 10.71
N ARG B 322 38.19 -16.09 10.31
CA ARG B 322 38.60 -15.11 11.30
C ARG B 322 37.40 -14.34 11.84
N CYS B 323 36.40 -14.08 10.97
CA CYS B 323 35.14 -13.52 11.45
C CYS B 323 34.58 -14.36 12.61
N ASP B 324 34.46 -15.67 12.41
CA ASP B 324 33.94 -16.55 13.46
C ASP B 324 34.82 -16.52 14.69
N ASP B 325 36.12 -16.69 14.51
CA ASP B 325 37.04 -16.85 15.63
C ASP B 325 37.11 -15.58 16.47
N LEU B 326 37.23 -14.42 15.80
CA LEU B 326 37.24 -13.16 16.50
C LEU B 326 35.91 -12.91 17.20
N THR B 327 34.80 -13.24 16.56
CA THR B 327 33.53 -13.03 17.24
C THR B 327 33.46 -13.84 18.54
N ARG B 328 33.87 -15.12 18.48
CA ARG B 328 33.81 -15.95 19.68
C ARG B 328 34.74 -15.44 20.76
N ARG B 329 35.96 -15.03 20.38
CA ARG B 329 36.90 -14.51 21.37
C ARG B 329 36.34 -13.27 22.06
N MET B 330 35.85 -12.31 21.27
CA MET B 330 35.27 -11.10 21.85
C MET B 330 34.13 -11.45 22.81
N ARG B 331 33.25 -12.38 22.42
CA ARG B 331 32.11 -12.67 23.29
C ARG B 331 32.55 -13.35 24.57
N ARG B 332 33.58 -14.19 24.51
CA ARG B 332 34.08 -14.79 25.73
C ARG B 332 34.74 -13.75 26.64
N ASP B 333 35.32 -12.69 26.05
CA ASP B 333 35.78 -11.55 26.83
C ASP B 333 34.64 -10.67 27.35
N GLY B 334 33.39 -11.05 27.14
CA GLY B 334 32.27 -10.29 27.66
C GLY B 334 31.68 -9.25 26.74
N TRP B 335 32.08 -9.21 25.46
CA TRP B 335 31.55 -8.18 24.58
C TRP B 335 30.25 -8.62 23.91
N PRO B 336 29.28 -7.71 23.70
CA PRO B 336 28.02 -8.02 22.99
C PRO B 336 28.17 -7.95 21.47
N ALA B 337 28.98 -8.83 20.92
CA ALA B 337 29.35 -8.74 19.52
C ALA B 337 28.61 -9.81 18.72
N MET B 338 28.24 -9.48 17.49
CA MET B 338 27.66 -10.45 16.57
C MET B 338 28.37 -10.38 15.23
N CYS B 339 28.07 -11.32 14.37
CA CYS B 339 28.93 -11.65 13.26
C CYS B 339 28.06 -11.94 12.04
N ILE B 340 28.47 -11.41 10.88
CA ILE B 340 27.77 -11.64 9.61
C ILE B 340 28.78 -11.99 8.53
N HIS B 341 28.54 -13.09 7.82
CA HIS B 341 29.41 -13.48 6.70
C HIS B 341 28.69 -14.53 5.86
N GLY B 342 29.35 -14.94 4.76
CA GLY B 342 28.71 -15.74 3.72
C GLY B 342 28.43 -17.19 4.08
N ASP B 343 29.00 -17.71 5.17
CA ASP B 343 28.70 -19.05 5.68
C ASP B 343 27.54 -19.07 6.70
N LYS B 344 27.02 -17.91 7.08
CA LYS B 344 25.80 -17.91 7.88
C LYS B 344 24.61 -18.18 6.98
N SER B 345 23.57 -18.80 7.54
CA SER B 345 22.31 -18.91 6.82
C SER B 345 21.75 -17.52 6.59
N GLN B 346 20.97 -17.38 5.52
CA GLN B 346 20.31 -16.10 5.28
C GLN B 346 19.41 -15.68 6.45
N PRO B 347 18.63 -16.55 7.08
CA PRO B 347 17.95 -16.14 8.33
C PRO B 347 18.88 -15.50 9.32
N GLU B 348 20.02 -16.13 9.64
CA GLU B 348 20.92 -15.56 10.63
C GLU B 348 21.50 -14.22 10.17
N ARG B 349 21.84 -14.12 8.87
CA ARG B 349 22.38 -12.87 8.34
C ARG B 349 21.36 -11.74 8.51
N ASP B 350 20.11 -11.99 8.12
CA ASP B 350 19.09 -10.95 8.25
C ASP B 350 18.89 -10.60 9.71
N TRP B 351 18.87 -11.60 10.59
CA TRP B 351 18.59 -11.34 11.99
C TRP B 351 19.69 -10.50 12.62
N VAL B 352 20.95 -10.80 12.32
CA VAL B 352 22.06 -10.03 12.88
C VAL B 352 22.07 -8.61 12.32
N LEU B 353 21.91 -8.46 11.01
CA LEU B 353 21.91 -7.12 10.45
C LEU B 353 20.78 -6.29 10.99
N ASN B 354 19.58 -6.87 11.16
CA ASN B 354 18.49 -6.06 11.70
C ASN B 354 18.68 -5.75 13.19
N GLU B 355 19.26 -6.69 13.95
CA GLU B 355 19.64 -6.37 15.32
C GLU B 355 20.63 -5.21 15.35
N PHE B 356 21.55 -5.17 14.39
CA PHE B 356 22.55 -4.11 14.33
C PHE B 356 21.92 -2.79 13.91
N ARG B 357 20.93 -2.87 13.02
CA ARG B 357 20.22 -1.68 12.56
C ARG B 357 19.49 -1.02 13.70
N SER B 358 18.87 -1.84 14.55
CA SER B 358 17.97 -1.37 15.60
C SER B 358 18.68 -0.88 16.84
N GLY B 359 20.00 -1.00 16.92
CA GLY B 359 20.72 -0.63 18.11
C GLY B 359 20.68 -1.63 19.24
N LYS B 360 19.86 -2.68 19.15
CA LYS B 360 19.93 -3.74 20.15
C LYS B 360 21.29 -4.42 20.21
N ALA B 361 22.17 -4.22 19.23
CA ALA B 361 23.45 -4.90 19.18
C ALA B 361 24.49 -3.95 18.59
N PRO B 362 25.36 -3.38 19.43
CA PRO B 362 26.24 -2.29 18.95
C PRO B 362 27.47 -2.73 18.17
N ILE B 363 27.82 -4.02 18.12
CA ILE B 363 29.06 -4.48 17.51
C ILE B 363 28.76 -5.51 16.42
N LEU B 364 29.01 -5.13 15.17
CA LEU B 364 28.96 -6.06 14.05
C LEU B 364 30.38 -6.38 13.59
N ILE B 365 30.73 -7.67 13.55
CA ILE B 365 31.98 -8.13 12.94
C ILE B 365 31.61 -8.76 11.60
N ALA B 366 32.37 -8.45 10.55
CA ALA B 366 31.94 -8.73 9.19
C ALA B 366 33.14 -8.92 8.26
N THR B 367 32.92 -9.74 7.23
CA THR B 367 33.78 -9.79 6.05
C THR B 367 33.39 -8.64 5.12
N ASP B 368 33.98 -8.61 3.91
CA ASP B 368 33.60 -7.59 2.95
C ASP B 368 32.13 -7.69 2.49
N VAL B 369 31.38 -8.73 2.87
CA VAL B 369 29.96 -8.78 2.53
C VAL B 369 29.22 -7.53 3.03
N ALA B 370 29.75 -6.84 4.04
CA ALA B 370 29.14 -5.65 4.59
C ALA B 370 29.89 -4.38 4.21
N SER B 371 30.88 -4.46 3.31
CA SER B 371 31.73 -3.31 3.01
C SER B 371 31.07 -2.30 2.09
N ARG B 372 30.07 -2.70 1.33
CA ARG B 372 29.54 -1.83 0.29
C ARG B 372 28.07 -1.59 0.49
N GLY B 373 27.65 -0.34 0.25
CA GLY B 373 26.24 -0.03 0.15
C GLY B 373 25.42 0.10 1.43
N LEU B 374 25.61 -0.78 2.41
CA LEU B 374 24.78 -0.77 3.61
C LEU B 374 24.72 0.63 4.23
N ASP B 375 23.48 1.07 4.51
CA ASP B 375 23.16 2.37 5.11
C ASP B 375 22.54 2.09 6.47
N VAL B 376 23.35 2.13 7.52
CA VAL B 376 22.88 1.78 8.86
C VAL B 376 22.94 3.02 9.74
N GLU B 377 21.80 3.35 10.35
CA GLU B 377 21.70 4.51 11.24
C GLU B 377 22.74 4.47 12.34
N ASP B 378 23.45 5.58 12.53
CA ASP B 378 24.24 5.87 13.73
C ASP B 378 25.47 4.97 13.85
N VAL B 379 26.02 4.47 12.75
CA VAL B 379 27.34 3.83 12.84
C VAL B 379 28.37 4.91 13.11
N LYS B 380 28.99 4.87 14.31
CA LYS B 380 29.97 5.87 14.68
C LYS B 380 31.42 5.42 14.51
N PHE B 381 31.69 4.11 14.46
CA PHE B 381 33.05 3.60 14.32
C PHE B 381 33.12 2.47 13.28
N VAL B 382 34.15 2.52 12.44
CA VAL B 382 34.56 1.43 11.58
C VAL B 382 35.99 1.03 11.97
N ILE B 383 36.22 -0.26 12.17
CA ILE B 383 37.52 -0.76 12.59
C ILE B 383 37.99 -1.77 11.55
N ASN B 384 39.04 -1.42 10.80
CA ASN B 384 39.71 -2.41 9.97
C ASN B 384 40.67 -3.20 10.87
N TYR B 385 40.15 -4.27 11.45
CA TYR B 385 40.98 -5.24 12.17
C TYR B 385 42.02 -5.84 11.22
N ASP B 386 41.60 -6.28 10.03
CA ASP B 386 42.49 -6.64 8.94
C ASP B 386 42.37 -5.59 7.85
N TYR B 387 43.52 -5.12 7.34
CA TYR B 387 43.52 -4.18 6.23
C TYR B 387 42.94 -4.86 4.99
N PRO B 388 42.13 -4.16 4.19
CA PRO B 388 41.43 -4.82 3.10
C PRO B 388 42.35 -5.10 1.91
N ASN B 389 41.80 -5.84 0.93
CA ASN B 389 42.53 -6.24 -0.28
C ASN B 389 42.91 -5.08 -1.19
N SER B 390 42.26 -3.92 -1.07
CA SER B 390 42.53 -2.81 -1.99
C SER B 390 42.12 -1.50 -1.34
N SER B 391 42.71 -0.41 -1.84
CA SER B 391 42.42 0.90 -1.27
C SER B 391 40.99 1.34 -1.60
N GLU B 392 40.47 0.95 -2.77
CA GLU B 392 39.05 1.14 -3.04
C GLU B 392 38.20 0.44 -1.97
N ASP B 393 38.55 -0.79 -1.62
CA ASP B 393 37.76 -1.48 -0.61
C ASP B 393 37.87 -0.78 0.74
N TYR B 394 39.04 -0.24 1.07
CA TYR B 394 39.16 0.60 2.24
C TYR B 394 38.17 1.76 2.21
N VAL B 395 38.03 2.41 1.06
CA VAL B 395 37.17 3.59 0.98
C VAL B 395 35.71 3.19 1.21
N HIS B 396 35.27 2.10 0.59
CA HIS B 396 33.91 1.61 0.83
C HIS B 396 33.70 1.20 2.29
N ARG B 397 34.66 0.49 2.88
CA ARG B 397 34.49 0.06 4.27
C ARG B 397 34.30 1.24 5.22
N ILE B 398 35.22 2.21 5.15
CA ILE B 398 35.12 3.30 6.12
C ILE B 398 33.92 4.18 5.80
N GLY B 399 33.38 4.10 4.58
CA GLY B 399 32.15 4.79 4.31
C GLY B 399 30.88 4.18 4.89
N ARG B 400 30.99 3.11 5.71
CA ARG B 400 29.79 2.62 6.40
C ARG B 400 29.40 3.57 7.54
N THR B 401 30.33 4.44 7.97
CA THR B 401 30.01 5.54 8.86
C THR B 401 30.12 6.88 8.11
N ALA B 402 29.84 7.97 8.83
CA ALA B 402 29.70 9.31 8.26
C ALA B 402 28.81 9.30 7.02
N ARG B 403 27.64 8.69 7.17
CA ARG B 403 26.65 8.72 6.11
C ARG B 403 25.98 10.10 6.05
N SER B 404 25.41 10.42 4.89
CA SER B 404 24.71 11.66 4.64
C SER B 404 25.54 12.84 5.18
N THR B 405 25.00 13.63 6.10
CA THR B 405 25.75 14.74 6.68
C THR B 405 26.56 14.37 7.93
N ASN B 406 26.38 13.17 8.48
CA ASN B 406 26.95 12.80 9.77
C ASN B 406 28.47 12.67 9.70
N LYS B 407 29.07 12.53 10.87
CA LYS B 407 30.50 12.30 11.03
C LYS B 407 30.72 10.92 11.63
N GLY B 408 31.98 10.50 11.63
CA GLY B 408 32.29 9.16 12.11
C GLY B 408 33.78 8.98 12.10
N THR B 409 34.21 7.88 12.70
CA THR B 409 35.63 7.61 12.89
C THR B 409 35.96 6.23 12.36
N ALA B 410 37.11 6.15 11.69
CA ALA B 410 37.66 4.90 11.17
C ALA B 410 39.03 4.67 11.82
N TYR B 411 39.20 3.50 12.41
CA TYR B 411 40.47 3.02 12.94
C TYR B 411 40.97 1.88 12.05
N THR B 412 42.27 1.85 11.79
CA THR B 412 42.84 0.80 10.96
C THR B 412 44.09 0.22 11.63
N PHE B 413 44.12 -1.11 11.79
CA PHE B 413 45.29 -1.82 12.29
C PHE B 413 46.16 -2.19 11.08
N PHE B 414 47.32 -1.56 10.96
CA PHE B 414 48.19 -1.75 9.81
C PHE B 414 49.44 -2.49 10.22
N THR B 415 49.86 -3.44 9.38
CA THR B 415 50.86 -4.45 9.69
C THR B 415 51.98 -4.48 8.65
N PRO B 416 53.22 -4.81 9.05
CA PRO B 416 54.28 -4.98 8.04
C PRO B 416 53.86 -5.87 6.87
N GLY B 417 53.08 -6.90 7.11
CA GLY B 417 52.45 -7.67 6.05
C GLY B 417 51.45 -6.90 5.19
N ASN B 418 51.19 -5.63 5.50
CA ASN B 418 50.37 -4.78 4.64
C ASN B 418 51.22 -3.80 3.86
N LEU B 419 52.55 -3.92 3.94
CA LEU B 419 53.45 -2.89 3.41
C LEU B 419 53.12 -2.50 1.98
N LYS B 420 52.79 -3.49 1.12
CA LYS B 420 52.58 -3.19 -0.30
C LYS B 420 51.42 -2.26 -0.56
N GLN B 421 50.53 -2.07 0.40
CA GLN B 421 49.41 -1.18 0.21
C GLN B 421 49.60 0.15 0.92
N ALA B 422 50.75 0.35 1.57
CA ALA B 422 50.91 1.58 2.36
C ALA B 422 50.83 2.82 1.47
N ARG B 423 51.55 2.81 0.34
CA ARG B 423 51.63 4.01 -0.50
C ARG B 423 50.25 4.52 -0.87
N GLU B 424 49.41 3.64 -1.44
CA GLU B 424 48.10 4.07 -1.88
C GLU B 424 47.25 4.52 -0.69
N LEU B 425 47.42 3.88 0.47
CA LEU B 425 46.70 4.35 1.66
C LEU B 425 47.14 5.77 2.02
N ILE B 426 48.46 6.01 2.03
CA ILE B 426 48.96 7.36 2.28
C ILE B 426 48.24 8.34 1.38
N LYS B 427 48.11 7.98 0.09
CA LYS B 427 47.48 8.88 -0.85
C LYS B 427 46.05 9.20 -0.40
N VAL B 428 45.27 8.16 -0.06
CA VAL B 428 43.91 8.39 0.40
C VAL B 428 43.92 9.34 1.59
N LEU B 429 44.80 9.07 2.57
CA LEU B 429 44.80 9.89 3.78
C LEU B 429 45.14 11.32 3.43
N GLU B 430 46.10 11.51 2.51
CA GLU B 430 46.49 12.88 2.19
C GLU B 430 45.37 13.60 1.44
N GLU B 431 44.67 12.88 0.54
CA GLU B 431 43.63 13.53 -0.22
C GLU B 431 42.51 14.02 0.69
N ALA B 432 42.36 13.41 1.87
CA ALA B 432 41.37 13.85 2.84
C ALA B 432 41.98 14.72 3.94
N ASN B 433 43.19 15.24 3.72
CA ASN B 433 43.81 16.21 4.64
C ASN B 433 43.94 15.63 6.05
N GLN B 434 44.17 14.33 6.14
CA GLN B 434 44.25 13.66 7.42
C GLN B 434 45.63 13.81 8.05
N ALA B 435 45.65 13.81 9.38
CA ALA B 435 46.90 13.67 10.09
C ALA B 435 47.44 12.26 9.89
N ILE B 436 48.65 12.17 9.33
CA ILE B 436 49.28 10.88 9.04
C ILE B 436 50.11 10.43 10.24
N ASN B 437 49.87 9.21 10.69
CA ASN B 437 50.70 8.57 11.69
C ASN B 437 52.17 8.59 11.25
N PRO B 438 53.07 9.20 12.03
CA PRO B 438 54.49 9.13 11.69
C PRO B 438 55.00 7.71 11.61
N LYS B 439 54.48 6.81 12.44
CA LYS B 439 54.91 5.42 12.37
C LYS B 439 54.58 4.80 11.01
N LEU B 440 53.48 5.22 10.39
CA LEU B 440 53.16 4.72 9.06
C LEU B 440 54.20 5.16 8.02
N MET B 441 54.52 6.45 8.00
CA MET B 441 55.58 6.97 7.15
C MET B 441 56.89 6.22 7.40
N GLN B 442 57.25 6.06 8.68
CA GLN B 442 58.51 5.43 9.04
C GLN B 442 58.56 3.98 8.54
N LEU B 443 57.45 3.27 8.63
CA LEU B 443 57.41 1.90 8.12
C LEU B 443 57.55 1.87 6.60
N VAL B 444 57.02 2.88 5.91
CA VAL B 444 57.24 2.93 4.46
C VAL B 444 58.71 3.23 4.15
N ASP B 445 59.31 4.15 4.90
CA ASP B 445 60.61 4.70 4.52
C ASP B 445 61.75 3.70 4.69
N HIS B 446 61.63 2.75 5.62
CA HIS B 446 62.72 1.81 5.91
C HIS B 446 62.61 0.51 5.13
#